data_5RL9
#
_entry.id   5RL9
#
_cell.length_a   59.119
_cell.length_b   70.182
_cell.length_c   85.413
_cell.angle_alpha   102.610
_cell.angle_beta   96.080
_cell.angle_gamma   112.480
#
_symmetry.space_group_name_H-M   'P 1'
#
loop_
_entity.id
_entity.type
_entity.pdbx_description
1 polymer Helicase
2 non-polymer 'ZINC ION'
3 non-polymer 'PHOSPHATE ION'
4 non-polymer 1-(3-fluoro-4-methylphenyl)methanesulfonamide
5 water water
#
_entity_poly.entity_id   1
_entity_poly.type   'polypeptide(L)'
_entity_poly.pdbx_seq_one_letter_code
;AVGACVLCNSQTSLRCGACIRRPFLCCKCCYDHVISTSHKLVLSVNPYVCNAPGCDVTDVTQLYLGGMSYYCKSHKPPIS
FPLCANGQVFGLYKNTCVGSDNVTDFNAIATCDWTNAGDYILANTCTERLKLFAAETLKATEETFKLSYGIATVREVLSD
RELHLSWEVGKPRPPLNRNYVFTGYRVTKNSKVQIGEYTFEKGDYGDAVVYRGTTTYKLNVGDYFVLTSHTVMPLSAPTL
VPQEHYVRITGLYPTLNISDEFSSNVANYQKVGMQKYSTLQGPPGTGKSHFAIGLALYYPSARIVYTACSHAAVDALCEK
ALKYLPIDKCSRIIPARARVECFDKFKVNSTLEQYVFCTVNALPETTADIVVFDEISMATNYDLSVVNARLRAKHYVYIG
DPAQLPAPRTLLTKGTLEPEYFNSVCRLMKTIGPDMFLGTCRRCPAEIVDTVSALVYDNKLKAHKDKSAQCFKMFYKGVI
THDVSSAINRPQIGVVREFLTRNPAWRKAVFISPYNSQNAVASKILGLPTQTVDSSQGSEYDYVIFTQTTETAHSCNVNR
FNVAITRAKVGILCIMSDRDLYDKLQFTSLEIPRRNVATLQ
;
_entity_poly.pdbx_strand_id   A,B
#
loop_
_chem_comp.id
_chem_comp.type
_chem_comp.name
_chem_comp.formula
PO4 non-polymer 'PHOSPHATE ION' 'O4 P -3'
UR7 non-polymer 1-(3-fluoro-4-methylphenyl)methanesulfonamide 'C8 H10 F N O2 S'
ZN non-polymer 'ZINC ION' 'Zn 2'
#
# COMPACT_ATOMS: atom_id res chain seq x y z
N ALA A 1 21.77 -15.17 2.06
CA ALA A 1 21.79 -16.62 1.97
C ALA A 1 21.97 -17.33 3.32
N VAL A 2 21.72 -16.63 4.44
CA VAL A 2 21.83 -17.24 5.77
C VAL A 2 20.52 -16.97 6.53
N GLY A 3 19.93 -18.04 7.06
CA GLY A 3 18.66 -17.92 7.74
C GLY A 3 18.31 -19.08 8.66
N ALA A 4 17.03 -19.11 9.07
CA ALA A 4 16.53 -20.13 9.98
C ALA A 4 15.78 -21.26 9.25
N CYS A 5 15.95 -22.50 9.74
CA CYS A 5 15.34 -23.72 9.21
C CYS A 5 13.82 -23.67 9.35
N VAL A 6 13.08 -24.03 8.29
CA VAL A 6 11.62 -24.05 8.35
C VAL A 6 11.08 -25.17 9.24
N LEU A 7 11.87 -26.19 9.59
CA LEU A 7 11.39 -27.30 10.43
C LEU A 7 11.79 -27.20 11.90
N CYS A 8 12.94 -26.58 12.21
CA CYS A 8 13.39 -26.52 13.59
C CYS A 8 14.07 -25.21 13.98
N ASN A 9 14.02 -24.17 13.13
CA ASN A 9 14.59 -22.84 13.39
C ASN A 9 16.14 -22.79 13.43
N SER A 10 16.83 -23.96 13.54
CA SER A 10 18.31 -24.06 13.58
C SER A 10 18.94 -23.25 12.46
N GLN A 11 19.88 -22.38 12.80
CA GLN A 11 20.54 -21.55 11.82
C GLN A 11 21.35 -22.41 10.83
N THR A 12 21.38 -21.99 9.55
CA THR A 12 22.10 -22.66 8.45
C THR A 12 22.27 -21.75 7.22
N SER A 13 23.15 -22.16 6.31
CA SER A 13 23.38 -21.55 5.00
C SER A 13 22.64 -22.39 3.91
N LEU A 14 22.03 -23.57 4.26
CA LEU A 14 21.38 -24.39 3.25
C LEU A 14 19.93 -23.98 2.96
N ARG A 15 19.57 -23.98 1.68
CA ARG A 15 18.20 -23.77 1.15
C ARG A 15 17.98 -24.86 0.10
N CYS A 16 16.76 -25.42 0.03
CA CYS A 16 16.49 -26.41 -1.01
C CYS A 16 16.24 -25.70 -2.32
N GLY A 17 17.08 -25.96 -3.31
CA GLY A 17 16.94 -25.36 -4.63
C GLY A 17 15.80 -25.96 -5.43
N ALA A 18 15.39 -27.21 -5.11
CA ALA A 18 14.31 -27.86 -5.86
C ALA A 18 12.89 -27.43 -5.37
N CYS A 19 12.79 -26.97 -4.10
CA CYS A 19 11.54 -26.42 -3.56
C CYS A 19 11.24 -25.11 -4.23
N ILE A 20 9.99 -24.88 -4.67
CA ILE A 20 9.60 -23.64 -5.35
C ILE A 20 9.83 -22.39 -4.46
N ARG A 21 9.70 -22.54 -3.13
CA ARG A 21 9.91 -21.41 -2.22
C ARG A 21 11.37 -21.32 -1.67
N ARG A 22 12.26 -22.26 -2.04
CA ARG A 22 13.68 -22.35 -1.59
C ARG A 22 13.85 -22.17 -0.08
N PRO A 23 13.14 -22.98 0.73
CA PRO A 23 13.21 -22.81 2.18
C PRO A 23 14.58 -23.15 2.77
N PHE A 24 14.95 -22.43 3.84
CA PHE A 24 16.16 -22.70 4.57
C PHE A 24 15.97 -24.03 5.33
N LEU A 25 16.92 -24.95 5.18
CA LEU A 25 16.88 -26.27 5.84
C LEU A 25 18.23 -26.48 6.52
N CYS A 26 18.21 -26.85 7.80
CA CYS A 26 19.45 -27.12 8.51
C CYS A 26 20.06 -28.44 8.03
N CYS A 27 21.34 -28.68 8.35
CA CYS A 27 22.06 -29.91 8.02
C CYS A 27 21.24 -31.21 8.23
N LYS A 28 20.64 -31.42 9.42
CA LYS A 28 19.88 -32.65 9.72
C LYS A 28 18.52 -32.76 8.99
N CYS A 29 17.90 -31.63 8.68
CA CYS A 29 16.61 -31.57 7.99
C CYS A 29 16.76 -31.59 6.46
N CYS A 30 17.76 -30.87 5.93
CA CYS A 30 18.15 -30.85 4.51
C CYS A 30 18.45 -32.29 4.05
N TYR A 31 19.14 -33.05 4.90
CA TYR A 31 19.47 -34.44 4.62
C TYR A 31 18.21 -35.27 4.51
N ASP A 32 17.35 -35.21 5.55
CA ASP A 32 16.10 -35.98 5.58
C ASP A 32 15.17 -35.66 4.40
N HIS A 33 15.32 -34.45 3.82
CA HIS A 33 14.59 -34.00 2.65
C HIS A 33 15.20 -34.55 1.35
N VAL A 34 16.52 -34.37 1.14
CA VAL A 34 17.14 -34.84 -0.09
C VAL A 34 17.14 -36.35 -0.23
N ILE A 35 17.33 -37.05 0.89
CA ILE A 35 17.43 -38.51 0.94
C ILE A 35 16.05 -39.22 0.83
N SER A 36 14.93 -38.47 0.91
CA SER A 36 13.60 -39.06 0.80
C SER A 36 12.75 -38.54 -0.35
N THR A 37 13.19 -37.49 -1.05
CA THR A 37 12.46 -36.92 -2.18
C THR A 37 13.32 -36.88 -3.47
N SER A 38 12.73 -36.43 -4.60
CA SER A 38 13.44 -36.17 -5.85
C SER A 38 14.27 -34.84 -5.73
N HIS A 39 14.15 -34.09 -4.62
CA HIS A 39 14.83 -32.82 -4.45
C HIS A 39 16.28 -33.06 -4.03
N LYS A 40 17.23 -32.81 -4.94
CA LYS A 40 18.65 -33.03 -4.63
C LYS A 40 19.52 -31.79 -4.77
N LEU A 41 18.94 -30.65 -5.25
CA LEU A 41 19.72 -29.44 -5.40
C LEU A 41 19.74 -28.71 -4.06
N VAL A 42 20.94 -28.49 -3.50
CA VAL A 42 21.10 -27.76 -2.25
C VAL A 42 21.84 -26.44 -2.57
N LEU A 43 21.33 -25.32 -2.03
CA LEU A 43 21.88 -23.99 -2.25
C LEU A 43 22.50 -23.46 -0.96
N SER A 44 23.65 -22.81 -1.08
CA SER A 44 24.39 -22.16 0.02
C SER A 44 24.73 -20.73 -0.53
N VAL A 45 25.93 -20.17 -0.27
CA VAL A 45 26.35 -18.88 -0.86
C VAL A 45 26.46 -19.08 -2.41
N ASN A 46 27.06 -20.22 -2.76
CA ASN A 46 27.33 -20.83 -4.05
C ASN A 46 26.53 -22.16 -4.04
N PRO A 47 25.94 -22.59 -5.17
CA PRO A 47 25.17 -23.86 -5.16
C PRO A 47 26.06 -25.09 -4.96
N TYR A 48 25.46 -26.19 -4.49
CA TYR A 48 26.21 -27.43 -4.32
C TYR A 48 26.22 -28.17 -5.62
N VAL A 49 27.27 -27.90 -6.38
CA VAL A 49 27.45 -28.42 -7.72
C VAL A 49 28.94 -28.74 -7.92
N CYS A 50 29.23 -29.67 -8.85
CA CYS A 50 30.62 -30.02 -9.11
C CYS A 50 31.34 -28.85 -9.74
N ASN A 51 32.33 -28.33 -8.99
CA ASN A 51 33.19 -27.22 -9.36
C ASN A 51 34.12 -27.55 -10.53
N ALA A 52 34.29 -28.84 -10.88
CA ALA A 52 35.12 -29.25 -12.00
C ALA A 52 34.53 -28.70 -13.29
N PRO A 53 35.37 -28.11 -14.16
CA PRO A 53 34.85 -27.50 -15.39
C PRO A 53 34.03 -28.40 -16.30
N GLY A 54 32.89 -27.90 -16.77
CA GLY A 54 32.02 -28.63 -17.69
C GLY A 54 31.20 -29.76 -17.08
N CYS A 55 31.43 -30.09 -15.80
CA CYS A 55 30.71 -31.17 -15.15
C CYS A 55 29.33 -30.74 -14.72
N ASP A 56 28.34 -31.62 -14.93
CA ASP A 56 26.95 -31.30 -14.60
C ASP A 56 26.38 -32.04 -13.38
N VAL A 57 27.23 -32.46 -12.41
CA VAL A 57 26.71 -33.12 -11.21
C VAL A 57 26.20 -32.09 -10.22
N THR A 58 24.87 -32.08 -9.99
CA THR A 58 24.15 -31.19 -9.06
C THR A 58 23.54 -31.92 -7.85
N ASP A 59 23.40 -33.25 -7.93
CA ASP A 59 22.82 -34.09 -6.87
C ASP A 59 23.76 -34.10 -5.67
N VAL A 60 23.28 -33.54 -4.55
CA VAL A 60 24.02 -33.43 -3.28
C VAL A 60 24.47 -34.79 -2.72
N THR A 61 23.71 -35.86 -2.99
CA THR A 61 24.08 -37.20 -2.50
C THR A 61 25.26 -37.82 -3.29
N GLN A 62 25.57 -37.26 -4.48
CA GLN A 62 26.68 -37.66 -5.33
C GLN A 62 27.82 -36.62 -5.31
N LEU A 63 27.83 -35.68 -4.32
CA LEU A 63 28.85 -34.64 -4.20
C LEU A 63 29.63 -34.72 -2.87
N TYR A 64 30.86 -34.17 -2.88
CA TYR A 64 31.83 -34.18 -1.79
C TYR A 64 32.52 -32.83 -1.64
N LEU A 65 33.01 -32.52 -0.44
CA LEU A 65 33.76 -31.31 -0.17
C LEU A 65 35.26 -31.62 -0.33
N GLY A 66 35.85 -31.08 -1.38
CA GLY A 66 37.28 -31.23 -1.65
C GLY A 66 37.98 -29.96 -1.25
N GLY A 67 38.27 -29.87 0.04
CA GLY A 67 38.89 -28.70 0.65
C GLY A 67 37.86 -27.63 0.98
N MET A 68 37.72 -26.67 0.07
CA MET A 68 36.74 -25.59 0.17
C MET A 68 35.71 -25.62 -0.98
N SER A 69 35.99 -26.42 -2.04
CA SER A 69 35.12 -26.58 -3.19
C SER A 69 34.29 -27.89 -3.16
N TYR A 70 33.37 -28.06 -4.11
CA TYR A 70 32.51 -29.23 -4.15
C TYR A 70 32.76 -29.98 -5.44
N TYR A 71 32.88 -31.31 -5.36
CA TYR A 71 33.14 -32.15 -6.54
C TYR A 71 32.33 -33.45 -6.47
N CYS A 72 32.06 -34.07 -7.61
CA CYS A 72 31.37 -35.36 -7.65
C CYS A 72 32.38 -36.52 -7.38
N LYS A 73 31.92 -37.79 -7.46
CA LYS A 73 32.77 -38.98 -7.25
C LYS A 73 33.90 -39.06 -8.33
N SER A 74 33.62 -38.56 -9.58
CA SER A 74 34.54 -38.55 -10.71
C SER A 74 35.62 -37.45 -10.65
N HIS A 75 35.38 -36.37 -9.90
CA HIS A 75 36.32 -35.24 -9.86
C HIS A 75 36.90 -34.92 -8.51
N LYS A 76 36.43 -35.56 -7.45
CA LYS A 76 36.89 -35.25 -6.10
C LYS A 76 38.37 -35.56 -5.87
N PRO A 77 39.05 -34.73 -5.05
CA PRO A 77 40.43 -35.06 -4.67
C PRO A 77 40.46 -36.21 -3.64
N PRO A 78 41.62 -36.87 -3.42
CA PRO A 78 41.66 -37.97 -2.43
C PRO A 78 41.18 -37.57 -1.03
N ILE A 79 41.52 -36.35 -0.58
CA ILE A 79 41.09 -35.89 0.74
C ILE A 79 39.81 -35.05 0.56
N SER A 80 38.69 -35.76 0.66
CA SER A 80 37.35 -35.21 0.52
C SER A 80 36.36 -35.97 1.40
N PHE A 81 35.32 -35.27 1.80
CA PHE A 81 34.25 -35.76 2.66
C PHE A 81 32.96 -35.75 1.86
N PRO A 82 32.06 -36.77 1.94
CA PRO A 82 30.76 -36.63 1.27
C PRO A 82 29.91 -35.51 1.87
N LEU A 83 29.20 -34.80 0.99
CA LEU A 83 28.28 -33.74 1.42
C LEU A 83 27.15 -34.39 2.23
N CYS A 84 26.63 -35.52 1.73
CA CYS A 84 25.62 -36.25 2.45
C CYS A 84 26.19 -37.43 3.16
N ALA A 85 26.22 -37.37 4.48
CA ALA A 85 26.61 -38.52 5.30
C ALA A 85 26.23 -38.31 6.75
N ASN A 86 25.97 -39.40 7.48
CA ASN A 86 25.63 -39.38 8.90
C ASN A 86 24.41 -38.51 9.28
N GLY A 87 23.33 -38.64 8.50
CA GLY A 87 22.09 -37.92 8.75
C GLY A 87 22.13 -36.42 8.52
N GLN A 88 23.22 -35.92 7.89
CA GLN A 88 23.41 -34.49 7.65
C GLN A 88 23.98 -34.14 6.28
N VAL A 89 23.69 -32.92 5.83
CA VAL A 89 24.23 -32.28 4.62
C VAL A 89 25.20 -31.23 5.14
N PHE A 90 26.44 -31.21 4.62
CA PHE A 90 27.45 -30.28 5.08
C PHE A 90 27.11 -28.82 4.81
N GLY A 91 27.18 -28.00 5.84
CA GLY A 91 26.95 -26.57 5.75
C GLY A 91 27.55 -25.85 6.95
N LEU A 92 27.04 -24.66 7.26
CA LEU A 92 27.51 -23.95 8.45
C LEU A 92 26.57 -24.29 9.61
N TYR A 93 27.04 -24.11 10.85
CA TYR A 93 26.27 -24.30 12.09
C TYR A 93 25.73 -25.74 12.31
N LYS A 94 26.54 -26.77 11.95
CA LYS A 94 26.23 -28.20 12.08
C LYS A 94 25.90 -28.67 13.52
N VAL A 103 9.48 -34.18 9.43
CA VAL A 103 10.03 -33.90 8.11
C VAL A 103 9.35 -34.75 7.02
N THR A 104 8.74 -35.91 7.38
CA THR A 104 7.86 -36.66 6.46
C THR A 104 6.69 -35.73 5.94
N ASP A 105 6.23 -34.82 6.81
CA ASP A 105 5.18 -33.86 6.46
C ASP A 105 5.76 -32.77 5.54
N PHE A 106 6.96 -32.27 5.86
CA PHE A 106 7.64 -31.27 5.05
C PHE A 106 7.84 -31.79 3.61
N ASN A 107 8.25 -33.05 3.48
CA ASN A 107 8.50 -33.67 2.17
C ASN A 107 7.25 -33.70 1.32
N ALA A 108 6.12 -34.10 1.94
CA ALA A 108 4.86 -34.19 1.23
C ALA A 108 4.35 -32.81 0.77
N ILE A 109 4.47 -31.78 1.62
CA ILE A 109 4.10 -30.41 1.25
C ILE A 109 5.00 -29.90 0.11
N ALA A 110 6.32 -30.12 0.24
CA ALA A 110 7.32 -29.68 -0.72
C ALA A 110 7.19 -30.30 -2.10
N THR A 111 6.67 -31.54 -2.22
CA THR A 111 6.60 -32.24 -3.50
C THR A 111 5.20 -32.43 -4.11
N CYS A 112 4.14 -32.17 -3.31
CA CYS A 112 2.79 -32.34 -3.82
C CYS A 112 2.40 -31.31 -4.88
N ASP A 113 1.43 -31.66 -5.74
CA ASP A 113 0.98 -30.75 -6.78
C ASP A 113 -0.34 -30.00 -6.42
N TRP A 114 -0.86 -30.19 -5.17
CA TRP A 114 -2.05 -29.52 -4.62
C TRP A 114 -3.36 -29.84 -5.36
N THR A 115 -3.43 -30.99 -6.04
CA THR A 115 -4.65 -31.41 -6.74
C THR A 115 -5.48 -32.39 -5.88
N ASN A 116 -4.93 -32.91 -4.76
CA ASN A 116 -5.59 -33.86 -3.87
C ASN A 116 -5.98 -33.20 -2.58
N ALA A 117 -7.13 -33.58 -2.03
CA ALA A 117 -7.61 -33.07 -0.74
C ALA A 117 -6.64 -33.39 0.40
N GLY A 118 -5.96 -34.54 0.33
CA GLY A 118 -4.97 -34.96 1.31
C GLY A 118 -3.82 -33.98 1.46
N ASP A 119 -3.51 -33.22 0.40
CA ASP A 119 -2.49 -32.18 0.42
C ASP A 119 -2.91 -31.01 1.33
N TYR A 120 -4.21 -30.67 1.28
CA TYR A 120 -4.79 -29.62 2.09
C TYR A 120 -5.00 -30.09 3.52
N ILE A 121 -5.27 -31.39 3.72
CA ILE A 121 -5.41 -31.95 5.05
C ILE A 121 -4.09 -31.83 5.79
N LEU A 122 -3.01 -32.20 5.11
CA LEU A 122 -1.68 -32.11 5.67
C LEU A 122 -1.29 -30.66 5.98
N ALA A 123 -1.54 -29.71 5.03
CA ALA A 123 -1.26 -28.28 5.21
C ALA A 123 -1.97 -27.65 6.46
N ASN A 124 -2.98 -28.33 6.98
CA ASN A 124 -3.72 -27.85 8.14
C ASN A 124 -3.51 -28.68 9.40
N THR A 125 -2.91 -29.87 9.27
CA THR A 125 -2.61 -30.71 10.44
C THR A 125 -1.15 -30.67 10.86
N CYS A 126 -0.28 -30.07 10.04
CA CYS A 126 1.15 -30.00 10.32
C CYS A 126 1.48 -28.93 11.41
N THR A 127 2.74 -28.80 11.80
CA THR A 127 3.17 -27.79 12.74
C THR A 127 2.93 -26.39 12.14
N GLU A 128 2.92 -25.38 13.00
CA GLU A 128 2.70 -24.01 12.60
C GLU A 128 3.64 -23.51 11.50
N ARG A 129 4.97 -23.68 11.68
CA ARG A 129 5.92 -23.28 10.64
C ARG A 129 5.64 -23.99 9.29
N LEU A 130 5.21 -25.27 9.34
CA LEU A 130 4.86 -25.99 8.10
C LEU A 130 3.55 -25.54 7.49
N LYS A 131 2.64 -24.96 8.31
CA LYS A 131 1.40 -24.40 7.81
C LYS A 131 1.74 -23.18 6.92
N LEU A 132 2.75 -22.38 7.32
CA LEU A 132 3.17 -21.21 6.54
C LEU A 132 3.89 -21.62 5.27
N PHE A 133 4.75 -22.64 5.38
CA PHE A 133 5.47 -23.18 4.23
C PHE A 133 4.45 -23.73 3.22
N ALA A 134 3.44 -24.47 3.72
CA ALA A 134 2.41 -25.03 2.88
C ALA A 134 1.57 -23.95 2.20
N ALA A 135 1.21 -22.90 2.95
CA ALA A 135 0.41 -21.80 2.40
C ALA A 135 1.13 -21.03 1.29
N GLU A 136 2.41 -20.76 1.47
CA GLU A 136 3.24 -20.04 0.52
C GLU A 136 3.44 -20.90 -0.76
N THR A 137 3.74 -22.22 -0.58
CA THR A 137 4.01 -23.17 -1.66
C THR A 137 2.76 -23.34 -2.55
N LEU A 138 1.61 -23.53 -1.87
CA LEU A 138 0.31 -23.66 -2.51
C LEU A 138 -0.01 -22.41 -3.32
N LYS A 139 0.11 -21.22 -2.71
CA LYS A 139 -0.20 -19.98 -3.42
C LYS A 139 0.69 -19.75 -4.65
N ALA A 140 1.98 -20.07 -4.51
CA ALA A 140 2.93 -19.95 -5.62
C ALA A 140 2.55 -20.94 -6.74
N THR A 141 2.14 -22.16 -6.36
CA THR A 141 1.70 -23.17 -7.34
C THR A 141 0.46 -22.70 -8.11
N GLU A 142 -0.50 -22.12 -7.37
CA GLU A 142 -1.73 -21.59 -7.93
C GLU A 142 -1.44 -20.48 -8.96
N GLU A 143 -0.45 -19.59 -8.71
CA GLU A 143 -0.11 -18.50 -9.63
C GLU A 143 0.57 -18.99 -10.90
N THR A 144 1.51 -19.94 -10.76
CA THR A 144 2.18 -20.55 -11.91
C THR A 144 1.18 -21.27 -12.83
N PHE A 145 0.16 -21.89 -12.22
CA PHE A 145 -0.88 -22.56 -12.98
C PHE A 145 -1.70 -21.56 -13.85
N LYS A 146 -1.77 -20.29 -13.41
CA LYS A 146 -2.47 -19.25 -14.19
C LYS A 146 -1.78 -18.99 -15.54
N LEU A 147 -0.46 -19.21 -15.60
CA LEU A 147 0.32 -19.06 -16.82
C LEU A 147 -0.01 -20.13 -17.87
N SER A 148 -0.54 -21.30 -17.43
CA SER A 148 -0.87 -22.41 -18.32
C SER A 148 -2.05 -22.10 -19.26
N TYR A 149 -2.90 -21.14 -18.90
CA TYR A 149 -4.08 -20.80 -19.69
C TYR A 149 -3.77 -19.92 -20.91
N GLY A 150 -4.52 -20.14 -21.99
CA GLY A 150 -4.36 -19.38 -23.23
C GLY A 150 -4.92 -17.98 -23.15
N ILE A 151 -4.35 -17.08 -23.95
CA ILE A 151 -4.74 -15.67 -24.09
C ILE A 151 -6.05 -15.59 -24.90
N ALA A 152 -6.97 -14.70 -24.47
CA ALA A 152 -8.25 -14.44 -25.14
C ALA A 152 -8.11 -13.09 -25.88
N THR A 153 -8.29 -13.08 -27.21
CA THR A 153 -8.13 -11.88 -28.05
C THR A 153 -9.48 -11.49 -28.68
N VAL A 154 -9.87 -10.20 -28.57
CA VAL A 154 -11.13 -9.70 -29.13
C VAL A 154 -11.20 -9.86 -30.65
N ARG A 155 -12.09 -10.73 -31.11
CA ARG A 155 -12.26 -10.97 -32.54
C ARG A 155 -13.28 -9.97 -33.11
N GLU A 156 -14.36 -9.63 -32.33
CA GLU A 156 -15.42 -8.64 -32.67
C GLU A 156 -16.24 -8.18 -31.42
N VAL A 157 -16.75 -6.94 -31.43
CA VAL A 157 -17.53 -6.38 -30.34
C VAL A 157 -18.98 -6.22 -30.81
N LEU A 158 -19.93 -6.85 -30.11
CA LEU A 158 -21.33 -6.78 -30.50
C LEU A 158 -22.02 -5.56 -29.87
N SER A 159 -21.90 -5.44 -28.53
CA SER A 159 -22.53 -4.38 -27.77
C SER A 159 -21.64 -3.94 -26.57
N ASP A 160 -22.22 -3.19 -25.61
CA ASP A 160 -21.55 -2.74 -24.38
C ASP A 160 -21.47 -3.86 -23.29
N ARG A 161 -22.14 -5.00 -23.51
CA ARG A 161 -22.15 -6.12 -22.59
C ARG A 161 -21.98 -7.49 -23.29
N GLU A 162 -21.71 -7.51 -24.60
CA GLU A 162 -21.48 -8.76 -25.33
C GLU A 162 -20.38 -8.64 -26.39
N LEU A 163 -19.47 -9.63 -26.46
CA LEU A 163 -18.40 -9.66 -27.46
C LEU A 163 -18.04 -11.10 -27.91
N HIS A 164 -17.23 -11.25 -28.96
CA HIS A 164 -16.79 -12.56 -29.44
C HIS A 164 -15.27 -12.70 -29.25
N LEU A 165 -14.82 -13.84 -28.68
CA LEU A 165 -13.39 -14.03 -28.40
C LEU A 165 -12.71 -15.09 -29.26
N SER A 166 -11.39 -14.90 -29.46
CA SER A 166 -10.47 -15.76 -30.21
C SER A 166 -9.45 -16.30 -29.19
N TRP A 167 -9.37 -17.63 -29.03
CA TRP A 167 -8.48 -18.22 -28.02
C TRP A 167 -7.16 -18.73 -28.53
N GLU A 168 -6.14 -18.73 -27.65
CA GLU A 168 -4.81 -19.21 -27.97
C GLU A 168 -4.85 -20.73 -28.14
N VAL A 169 -4.41 -21.22 -29.31
CA VAL A 169 -4.39 -22.65 -29.59
C VAL A 169 -3.25 -23.32 -28.83
N GLY A 170 -3.44 -24.58 -28.45
CA GLY A 170 -2.42 -25.32 -27.72
C GLY A 170 -2.41 -25.13 -26.22
N LYS A 171 -3.15 -24.13 -25.73
CA LYS A 171 -3.25 -23.88 -24.30
C LYS A 171 -4.72 -23.96 -23.88
N PRO A 172 -5.01 -24.61 -22.74
CA PRO A 172 -6.40 -24.73 -22.32
C PRO A 172 -7.06 -23.37 -22.04
N ARG A 173 -8.39 -23.38 -22.05
CA ARG A 173 -9.22 -22.18 -21.84
C ARG A 173 -9.73 -22.17 -20.41
N PRO A 174 -9.45 -21.10 -19.63
CA PRO A 174 -9.92 -21.07 -18.25
C PRO A 174 -11.44 -21.04 -18.15
N PRO A 175 -12.01 -21.59 -17.07
CA PRO A 175 -13.47 -21.56 -16.90
C PRO A 175 -14.04 -20.14 -16.96
N LEU A 176 -15.26 -19.97 -17.54
CA LEU A 176 -15.95 -18.67 -17.64
C LEU A 176 -17.00 -18.47 -16.56
N ASN A 177 -16.64 -17.66 -15.56
CA ASN A 177 -17.48 -17.35 -14.42
C ASN A 177 -16.95 -16.06 -13.74
N ARG A 178 -17.53 -15.67 -12.60
CA ARG A 178 -17.06 -14.52 -11.85
C ARG A 178 -15.74 -14.81 -11.11
N ASN A 179 -15.45 -16.10 -10.80
CA ASN A 179 -14.25 -16.56 -10.10
C ASN A 179 -12.99 -16.17 -10.87
N TYR A 180 -13.01 -16.34 -12.21
CA TYR A 180 -11.86 -16.05 -13.06
C TYR A 180 -11.83 -14.58 -13.55
N VAL A 181 -10.97 -13.77 -12.91
CA VAL A 181 -10.80 -12.35 -13.24
C VAL A 181 -9.55 -12.16 -14.14
N PHE A 182 -9.76 -11.53 -15.30
CA PHE A 182 -8.78 -11.25 -16.33
C PHE A 182 -8.28 -9.82 -16.25
N THR A 183 -7.21 -9.51 -16.98
CA THR A 183 -6.63 -8.19 -17.08
C THR A 183 -6.58 -7.88 -18.55
N GLY A 184 -7.24 -6.80 -18.94
CA GLY A 184 -7.28 -6.38 -20.33
C GLY A 184 -6.03 -5.59 -20.71
N TYR A 185 -5.66 -5.63 -22.02
CA TYR A 185 -4.46 -4.95 -22.53
C TYR A 185 -4.70 -4.44 -23.96
N GLN A 194 -2.99 -1.93 -19.87
CA GLN A 194 -3.79 -2.38 -18.73
C GLN A 194 -5.12 -1.65 -18.74
N ILE A 195 -6.07 -2.12 -19.56
CA ILE A 195 -7.38 -1.49 -19.72
C ILE A 195 -8.40 -1.92 -18.62
N GLY A 196 -7.90 -2.28 -17.44
CA GLY A 196 -8.72 -2.65 -16.31
C GLY A 196 -9.03 -4.12 -16.20
N GLU A 197 -9.47 -4.55 -15.02
CA GLU A 197 -9.82 -5.95 -14.81
C GLU A 197 -11.16 -6.29 -15.51
N TYR A 198 -11.32 -7.52 -16.01
CA TYR A 198 -12.53 -7.91 -16.75
C TYR A 198 -12.95 -9.33 -16.39
N THR A 199 -14.27 -9.63 -16.36
CA THR A 199 -14.81 -10.99 -16.17
C THR A 199 -15.71 -11.35 -17.40
N PHE A 200 -15.98 -12.67 -17.66
CA PHE A 200 -16.81 -13.12 -18.79
C PHE A 200 -17.79 -14.26 -18.45
N GLU A 201 -19.01 -14.26 -19.05
CA GLU A 201 -20.01 -15.30 -18.79
C GLU A 201 -20.66 -15.87 -20.05
N LYS A 202 -20.60 -17.20 -20.23
CA LYS A 202 -21.22 -17.85 -21.39
C LYS A 202 -22.72 -18.09 -21.16
N ASP A 207 -22.13 -18.33 -30.18
CA ASP A 207 -20.77 -18.03 -29.72
C ASP A 207 -20.66 -16.71 -28.92
N ALA A 208 -21.80 -16.02 -28.65
CA ALA A 208 -21.80 -14.74 -27.94
C ALA A 208 -21.58 -14.84 -26.42
N VAL A 209 -20.55 -14.12 -25.92
CA VAL A 209 -20.21 -14.11 -24.48
C VAL A 209 -20.49 -12.73 -23.83
N VAL A 210 -20.74 -12.72 -22.51
CA VAL A 210 -21.04 -11.50 -21.77
C VAL A 210 -19.76 -10.91 -21.06
N TYR A 211 -19.27 -9.71 -21.49
CA TYR A 211 -18.07 -9.10 -20.88
C TYR A 211 -18.37 -8.08 -19.78
N ARG A 212 -17.52 -8.04 -18.73
CA ARG A 212 -17.72 -7.17 -17.59
C ARG A 212 -16.44 -6.44 -17.14
N GLY A 213 -16.19 -5.29 -17.73
CA GLY A 213 -15.03 -4.49 -17.39
C GLY A 213 -15.21 -3.65 -16.15
N THR A 214 -14.25 -3.76 -15.23
CA THR A 214 -14.24 -2.98 -14.00
C THR A 214 -14.15 -1.47 -14.35
N THR A 215 -13.33 -1.14 -15.35
CA THR A 215 -13.25 0.23 -15.85
C THR A 215 -14.05 0.25 -17.18
N THR A 216 -14.97 1.22 -17.36
CA THR A 216 -15.75 1.31 -18.58
C THR A 216 -14.88 1.72 -19.75
N TYR A 217 -14.67 0.80 -20.68
CA TYR A 217 -13.82 1.05 -21.81
C TYR A 217 -14.45 0.46 -23.03
N LYS A 218 -14.50 1.24 -24.12
CA LYS A 218 -15.05 0.80 -25.39
C LYS A 218 -14.11 -0.26 -25.98
N LEU A 219 -14.37 -1.55 -25.64
CA LEU A 219 -13.59 -2.72 -26.03
C LEU A 219 -13.03 -2.66 -27.46
N ASN A 220 -11.70 -2.55 -27.59
CA ASN A 220 -11.07 -2.43 -28.89
C ASN A 220 -10.83 -3.83 -29.47
N VAL A 221 -11.09 -4.00 -30.78
CA VAL A 221 -10.85 -5.27 -31.46
C VAL A 221 -9.34 -5.43 -31.60
N GLY A 222 -8.83 -6.58 -31.19
CA GLY A 222 -7.39 -6.82 -31.19
C GLY A 222 -6.82 -6.84 -29.79
N ASP A 223 -7.51 -6.19 -28.83
CA ASP A 223 -7.08 -6.18 -27.44
C ASP A 223 -7.16 -7.59 -26.82
N TYR A 224 -6.41 -7.85 -25.73
CA TYR A 224 -6.34 -9.20 -25.18
C TYR A 224 -6.48 -9.28 -23.64
N PHE A 225 -6.82 -10.47 -23.13
CA PHE A 225 -7.07 -10.67 -21.72
C PHE A 225 -6.26 -11.82 -21.17
N VAL A 226 -5.65 -11.61 -20.00
CA VAL A 226 -4.82 -12.61 -19.33
C VAL A 226 -5.13 -12.62 -17.83
N LEU A 227 -4.97 -13.77 -17.16
CA LEU A 227 -5.17 -13.89 -15.73
C LEU A 227 -4.12 -13.16 -14.91
N THR A 228 -4.58 -12.38 -13.91
CA THR A 228 -3.73 -11.58 -13.04
C THR A 228 -2.81 -12.42 -12.14
N SER A 229 -1.63 -12.77 -12.65
CA SER A 229 -0.67 -13.56 -11.88
C SER A 229 0.13 -12.67 -10.92
N HIS A 230 -0.25 -12.62 -9.64
CA HIS A 230 0.47 -11.81 -8.66
C HIS A 230 1.57 -12.60 -7.95
N THR A 231 2.64 -11.92 -7.54
CA THR A 231 3.79 -12.53 -6.87
C THR A 231 3.42 -12.86 -5.45
N VAL A 232 3.75 -14.08 -5.01
CA VAL A 232 3.45 -14.56 -3.67
C VAL A 232 4.54 -14.16 -2.74
N MET A 233 4.21 -13.33 -1.77
CA MET A 233 5.16 -12.90 -0.79
C MET A 233 5.35 -13.95 0.29
N PRO A 234 6.53 -14.01 0.90
CA PRO A 234 6.72 -14.96 1.99
C PRO A 234 5.90 -14.58 3.23
N LEU A 235 5.59 -15.58 4.03
CA LEU A 235 4.83 -15.43 5.25
C LEU A 235 5.79 -15.41 6.43
N SER A 236 5.45 -14.64 7.47
CA SER A 236 6.30 -14.53 8.67
C SER A 236 5.55 -14.84 9.94
N ALA A 237 4.32 -14.33 10.04
CA ALA A 237 3.46 -14.49 11.21
C ALA A 237 2.72 -15.85 11.23
N PRO A 238 2.46 -16.41 12.42
CA PRO A 238 1.64 -17.66 12.46
C PRO A 238 0.21 -17.42 11.96
N THR A 239 -0.52 -18.50 11.62
CA THR A 239 -1.93 -18.38 11.21
C THR A 239 -2.78 -17.91 12.42
N LEU A 240 -2.41 -18.34 13.62
CA LEU A 240 -3.00 -17.99 14.90
C LEU A 240 -1.86 -17.65 15.83
N VAL A 241 -1.89 -16.47 16.51
CA VAL A 241 -0.86 -16.17 17.52
C VAL A 241 -1.01 -17.21 18.68
N PRO A 242 -0.02 -17.41 19.58
CA PRO A 242 -0.22 -18.38 20.67
C PRO A 242 -1.36 -17.89 21.57
N GLN A 243 -2.22 -18.81 22.01
CA GLN A 243 -3.35 -18.45 22.85
C GLN A 243 -2.90 -18.02 24.23
N GLU A 244 -3.54 -17.00 24.78
CA GLU A 244 -3.31 -16.52 26.15
C GLU A 244 -4.66 -16.38 26.81
N HIS A 245 -4.78 -16.90 28.02
CA HIS A 245 -6.00 -16.75 28.80
C HIS A 245 -5.68 -15.81 29.96
N TYR A 246 -6.60 -14.89 30.22
CA TYR A 246 -6.44 -13.91 31.27
C TYR A 246 -7.49 -14.09 32.36
N VAL A 247 -7.17 -13.56 33.56
CA VAL A 247 -8.03 -13.60 34.75
C VAL A 247 -9.02 -12.43 34.78
N ARG A 248 -8.73 -11.35 34.06
CA ARG A 248 -9.55 -10.15 33.95
C ARG A 248 -9.56 -9.73 32.49
N ILE A 249 -10.51 -8.82 32.12
CA ILE A 249 -10.56 -8.23 30.77
C ILE A 249 -9.28 -7.40 30.64
N THR A 250 -8.52 -7.63 29.57
CA THR A 250 -7.21 -7.01 29.42
C THR A 250 -7.15 -5.98 28.30
N GLY A 251 -6.68 -4.78 28.60
CA GLY A 251 -6.52 -3.72 27.61
C GLY A 251 -7.78 -3.11 27.02
N LEU A 252 -8.93 -3.52 27.56
CA LEU A 252 -10.21 -3.04 27.09
C LEU A 252 -11.01 -2.54 28.28
N TYR A 253 -11.84 -1.53 28.04
CA TYR A 253 -12.63 -0.94 29.12
C TYR A 253 -14.14 -1.00 28.79
N PRO A 254 -14.85 -1.93 29.46
CA PRO A 254 -16.27 -2.12 29.16
C PRO A 254 -17.19 -0.97 29.55
N THR A 255 -18.40 -0.96 28.99
CA THR A 255 -19.44 -0.02 29.43
C THR A 255 -20.28 -0.75 30.48
N LEU A 256 -20.96 0.02 31.30
CA LEU A 256 -21.94 -0.50 32.26
C LEU A 256 -23.36 -0.22 31.69
N ASN A 257 -23.51 0.92 30.99
CA ASN A 257 -24.69 1.36 30.28
C ASN A 257 -24.60 0.68 28.90
N ILE A 258 -24.82 -0.64 28.83
CA ILE A 258 -24.78 -1.37 27.54
C ILE A 258 -26.22 -1.57 27.01
N SER A 259 -26.50 -1.09 25.76
CA SER A 259 -27.81 -1.19 25.09
C SER A 259 -28.44 -2.60 25.14
N ASP A 260 -29.73 -2.68 25.52
CA ASP A 260 -30.49 -3.93 25.64
C ASP A 260 -30.35 -4.83 24.42
N GLU A 261 -30.28 -4.21 23.24
CA GLU A 261 -30.10 -4.83 21.93
C GLU A 261 -28.90 -5.81 21.93
N PHE A 262 -27.85 -5.45 22.68
CA PHE A 262 -26.58 -6.17 22.77
C PHE A 262 -26.35 -6.91 24.05
N SER A 263 -27.29 -6.87 25.00
CA SER A 263 -27.23 -7.57 26.30
C SER A 263 -26.95 -9.06 26.15
N SER A 264 -27.54 -9.70 25.13
CA SER A 264 -27.35 -11.13 24.90
C SER A 264 -25.89 -11.50 24.66
N ASN A 265 -25.06 -10.56 24.16
CA ASN A 265 -23.67 -10.88 23.88
C ASN A 265 -22.69 -10.42 24.95
N VAL A 266 -23.15 -9.84 26.05
CA VAL A 266 -22.25 -9.32 27.10
C VAL A 266 -21.26 -10.39 27.62
N ALA A 267 -21.72 -11.61 27.98
CA ALA A 267 -20.80 -12.64 28.48
C ALA A 267 -19.76 -13.01 27.40
N ASN A 268 -20.20 -13.12 26.14
CA ASN A 268 -19.31 -13.39 25.00
C ASN A 268 -18.28 -12.23 24.81
N TYR A 269 -18.69 -10.95 24.97
CA TYR A 269 -17.80 -9.80 24.86
C TYR A 269 -16.77 -9.80 25.96
N GLN A 270 -17.16 -10.25 27.17
CA GLN A 270 -16.22 -10.37 28.28
C GLN A 270 -15.23 -11.49 27.98
N LYS A 271 -15.70 -12.62 27.39
CA LYS A 271 -14.83 -13.74 26.97
C LYS A 271 -13.78 -13.22 25.98
N VAL A 272 -14.21 -12.37 25.02
CA VAL A 272 -13.32 -11.74 24.05
C VAL A 272 -12.13 -10.99 24.75
N GLY A 273 -12.42 -10.20 25.79
CA GLY A 273 -11.39 -9.45 26.49
C GLY A 273 -10.52 -10.27 27.43
N MET A 274 -10.93 -11.50 27.74
CA MET A 274 -10.22 -12.38 28.67
C MET A 274 -9.36 -13.48 28.03
N GLN A 275 -9.15 -13.40 26.72
CA GLN A 275 -8.32 -14.32 25.93
C GLN A 275 -7.63 -13.51 24.81
N LYS A 276 -6.51 -13.97 24.32
CA LYS A 276 -5.80 -13.32 23.23
C LYS A 276 -6.67 -13.43 21.95
N TYR A 277 -7.17 -14.63 21.65
CA TYR A 277 -8.04 -14.80 20.48
C TYR A 277 -9.26 -15.61 20.84
N SER A 278 -10.33 -15.39 20.10
CA SER A 278 -11.56 -16.15 20.32
C SER A 278 -12.26 -16.45 19.02
N THR A 279 -12.97 -17.58 18.99
CA THR A 279 -13.70 -18.02 17.79
C THR A 279 -15.20 -17.97 18.05
N LEU A 280 -15.92 -17.44 17.08
CA LEU A 280 -17.37 -17.36 17.16
C LEU A 280 -17.99 -18.11 15.95
N GLN A 281 -18.72 -19.20 16.21
CA GLN A 281 -19.47 -19.88 15.16
C GLN A 281 -20.88 -19.32 15.17
N GLY A 282 -21.20 -18.64 14.09
CA GLY A 282 -22.50 -18.06 13.90
C GLY A 282 -23.18 -18.63 12.68
N PRO A 283 -24.10 -19.59 12.87
CA PRO A 283 -24.89 -20.08 11.73
C PRO A 283 -25.65 -18.95 11.01
N PRO A 284 -26.24 -19.21 9.83
CA PRO A 284 -26.92 -18.13 9.09
C PRO A 284 -27.98 -17.39 9.91
N GLY A 285 -27.94 -16.06 9.84
CA GLY A 285 -28.92 -15.19 10.48
C GLY A 285 -28.97 -15.30 11.99
N THR A 286 -27.84 -15.65 12.63
CA THR A 286 -27.79 -15.73 14.08
C THR A 286 -27.24 -14.44 14.77
N GLY A 287 -26.86 -13.44 13.99
CA GLY A 287 -26.39 -12.18 14.53
C GLY A 287 -24.88 -11.96 14.53
N LYS A 288 -24.14 -12.49 13.54
CA LYS A 288 -22.69 -12.29 13.47
C LYS A 288 -22.29 -10.80 13.33
N SER A 289 -22.84 -10.05 12.35
CA SER A 289 -22.43 -8.65 12.21
C SER A 289 -22.94 -7.83 13.40
N HIS A 290 -24.12 -8.19 13.95
CA HIS A 290 -24.68 -7.56 15.15
C HIS A 290 -23.69 -7.78 16.32
N PHE A 291 -23.14 -8.98 16.45
CA PHE A 291 -22.17 -9.30 17.48
C PHE A 291 -20.91 -8.47 17.24
N ALA A 292 -20.40 -8.47 16.00
CA ALA A 292 -19.19 -7.74 15.61
C ALA A 292 -19.29 -6.25 15.94
N ILE A 293 -20.40 -5.59 15.58
CA ILE A 293 -20.58 -4.16 15.83
C ILE A 293 -20.84 -3.87 17.31
N GLY A 294 -21.53 -4.80 17.99
CA GLY A 294 -21.82 -4.68 19.41
C GLY A 294 -20.60 -4.73 20.31
N LEU A 295 -19.53 -5.29 19.78
CA LEU A 295 -18.27 -5.39 20.49
C LEU A 295 -17.68 -3.98 20.62
N ALA A 296 -17.86 -3.10 19.59
CA ALA A 296 -17.42 -1.70 19.57
C ALA A 296 -18.20 -0.91 20.62
N LEU A 297 -19.50 -1.18 20.75
CA LEU A 297 -20.33 -0.52 21.75
C LEU A 297 -20.01 -1.00 23.19
N TYR A 298 -19.59 -2.26 23.33
CA TYR A 298 -19.26 -2.79 24.64
C TYR A 298 -17.93 -2.27 25.12
N TYR A 299 -16.94 -2.07 24.23
CA TYR A 299 -15.64 -1.50 24.59
C TYR A 299 -15.54 -0.20 23.79
N PRO A 300 -16.24 0.86 24.28
CA PRO A 300 -16.40 2.08 23.48
C PRO A 300 -15.15 2.86 23.08
N SER A 301 -14.06 2.74 23.83
CA SER A 301 -12.82 3.45 23.48
C SER A 301 -11.83 2.60 22.66
N ALA A 302 -12.11 1.29 22.50
CA ALA A 302 -11.26 0.38 21.74
C ALA A 302 -11.19 0.70 20.24
N ARG A 303 -9.99 0.61 19.68
CA ARG A 303 -9.76 0.80 18.27
C ARG A 303 -9.95 -0.60 17.63
N ILE A 304 -10.91 -0.71 16.70
CA ILE A 304 -11.21 -2.00 16.09
C ILE A 304 -11.03 -1.99 14.61
N VAL A 305 -10.28 -2.97 14.13
CA VAL A 305 -10.11 -3.16 12.70
C VAL A 305 -10.99 -4.34 12.31
N TYR A 306 -11.93 -4.10 11.42
CA TYR A 306 -12.85 -5.11 10.89
C TYR A 306 -12.33 -5.53 9.52
N THR A 307 -12.00 -6.80 9.40
CA THR A 307 -11.47 -7.33 8.15
C THR A 307 -12.19 -8.62 7.75
N ALA A 308 -12.12 -8.94 6.45
CA ALA A 308 -12.64 -10.15 5.80
C ALA A 308 -11.97 -10.27 4.43
N CYS A 309 -12.04 -11.44 3.77
CA CYS A 309 -11.36 -11.61 2.48
C CYS A 309 -12.00 -10.83 1.36
N SER A 310 -13.35 -10.80 1.34
CA SER A 310 -14.05 -10.13 0.26
C SER A 310 -14.51 -8.71 0.57
N HIS A 311 -14.70 -7.91 -0.48
CA HIS A 311 -15.25 -6.57 -0.36
C HIS A 311 -16.68 -6.65 0.15
N ALA A 312 -17.46 -7.67 -0.30
CA ALA A 312 -18.86 -7.82 0.14
C ALA A 312 -18.94 -8.07 1.66
N ALA A 313 -18.08 -8.93 2.22
CA ALA A 313 -18.09 -9.16 3.67
C ALA A 313 -17.71 -7.89 4.44
N VAL A 314 -16.70 -7.13 3.93
CA VAL A 314 -16.30 -5.89 4.60
C VAL A 314 -17.46 -4.88 4.56
N ASP A 315 -18.16 -4.79 3.39
CA ASP A 315 -19.31 -3.88 3.16
C ASP A 315 -20.49 -4.23 4.07
N ALA A 316 -20.74 -5.51 4.32
CA ALA A 316 -21.81 -5.93 5.20
C ALA A 316 -21.51 -5.46 6.65
N LEU A 317 -20.22 -5.49 7.05
CA LEU A 317 -19.82 -5.00 8.37
C LEU A 317 -20.00 -3.45 8.42
N CYS A 318 -19.67 -2.75 7.31
CA CYS A 318 -19.85 -1.30 7.20
C CYS A 318 -21.35 -0.93 7.36
N GLU A 319 -22.25 -1.68 6.70
CA GLU A 319 -23.69 -1.42 6.78
C GLU A 319 -24.20 -1.48 8.22
N LYS A 320 -23.76 -2.50 8.98
CA LYS A 320 -24.13 -2.66 10.38
C LYS A 320 -23.51 -1.53 11.22
N ALA A 321 -22.25 -1.15 10.96
CA ALA A 321 -21.59 -0.07 11.70
C ALA A 321 -22.26 1.27 11.44
N LEU A 322 -22.70 1.51 10.20
CA LEU A 322 -23.37 2.74 9.81
C LEU A 322 -24.63 3.02 10.71
N LYS A 323 -25.29 1.94 11.14
CA LYS A 323 -26.47 1.97 11.98
C LYS A 323 -26.17 2.18 13.50
N TYR A 324 -25.00 1.74 14.00
CA TYR A 324 -24.73 1.78 15.44
C TYR A 324 -23.54 2.59 15.92
N LEU A 325 -22.58 2.83 15.04
CA LEU A 325 -21.35 3.52 15.40
C LEU A 325 -21.30 4.90 14.78
N PRO A 326 -20.61 5.86 15.45
CA PRO A 326 -20.50 7.22 14.86
C PRO A 326 -19.74 7.16 13.54
N ILE A 327 -20.36 7.64 12.47
CA ILE A 327 -19.81 7.65 11.11
C ILE A 327 -18.45 8.36 10.99
N ASP A 328 -18.21 9.38 11.83
CA ASP A 328 -16.96 10.13 11.83
C ASP A 328 -15.78 9.33 12.40
N LYS A 329 -16.04 8.24 13.14
CA LYS A 329 -14.96 7.42 13.66
C LYS A 329 -14.70 6.16 12.81
N CYS A 330 -15.33 6.07 11.62
CA CYS A 330 -15.21 4.98 10.66
C CYS A 330 -14.48 5.35 9.36
N SER A 331 -13.72 4.38 8.86
CA SER A 331 -13.07 4.53 7.58
C SER A 331 -13.07 3.23 6.79
N ARG A 332 -13.42 3.33 5.51
CA ARG A 332 -13.39 2.18 4.62
C ARG A 332 -12.08 2.26 3.79
N ILE A 333 -11.15 1.30 3.98
CA ILE A 333 -9.86 1.28 3.26
C ILE A 333 -10.09 0.62 1.90
N ILE A 334 -9.81 1.34 0.82
CA ILE A 334 -9.98 0.85 -0.54
C ILE A 334 -8.63 0.89 -1.25
N PRO A 335 -8.17 -0.26 -1.79
CA PRO A 335 -6.91 -0.26 -2.54
C PRO A 335 -7.06 0.53 -3.82
N ALA A 336 -6.04 1.34 -4.16
CA ALA A 336 -6.02 2.21 -5.32
C ALA A 336 -6.40 1.46 -6.62
N ARG A 337 -6.02 0.18 -6.72
CA ARG A 337 -6.40 -0.63 -7.87
C ARG A 337 -7.82 -1.17 -7.60
N ALA A 338 -8.83 -0.29 -7.80
CA ALA A 338 -10.25 -0.56 -7.54
C ALA A 338 -10.81 -1.59 -8.51
N ARG A 339 -11.29 -2.72 -7.94
CA ARG A 339 -11.81 -3.88 -8.68
C ARG A 339 -13.36 -3.87 -8.72
N VAL A 340 -14.03 -3.91 -7.55
CA VAL A 340 -15.49 -3.81 -7.51
C VAL A 340 -15.93 -2.57 -6.75
N GLU A 341 -17.17 -2.12 -6.98
CA GLU A 341 -17.79 -1.00 -6.30
C GLU A 341 -18.01 -1.44 -4.85
N CYS A 342 -17.54 -0.63 -3.88
CA CYS A 342 -17.75 -0.97 -2.47
C CYS A 342 -18.26 0.25 -1.65
N PHE A 343 -18.56 0.02 -0.37
CA PHE A 343 -19.12 0.95 0.60
C PHE A 343 -18.59 2.37 0.48
N ASP A 344 -19.51 3.35 0.20
CA ASP A 344 -19.26 4.79 -0.02
C ASP A 344 -19.54 5.76 1.17
N LYS A 345 -20.28 5.33 2.20
CA LYS A 345 -20.69 6.20 3.31
C LYS A 345 -19.65 6.50 4.43
N PHE A 346 -18.40 6.00 4.37
CA PHE A 346 -17.38 6.35 5.37
C PHE A 346 -16.25 7.14 4.70
N LYS A 347 -15.40 7.86 5.47
CA LYS A 347 -14.24 8.54 4.87
C LYS A 347 -13.29 7.45 4.33
N VAL A 348 -12.85 7.62 3.08
CA VAL A 348 -12.00 6.61 2.44
C VAL A 348 -10.51 6.78 2.76
N ASN A 349 -9.86 5.65 3.11
CA ASN A 349 -8.43 5.49 3.33
C ASN A 349 -7.84 6.32 4.50
N SER A 350 -8.58 6.44 5.59
CA SER A 350 -8.10 7.11 6.79
C SER A 350 -7.76 6.02 7.81
N THR A 351 -6.55 5.47 7.70
CA THR A 351 -6.00 4.39 8.50
C THR A 351 -6.10 4.60 10.04
N LEU A 352 -6.11 5.86 10.49
CA LEU A 352 -6.10 6.16 11.92
C LEU A 352 -7.47 6.37 12.58
N GLU A 353 -8.59 6.17 11.84
CA GLU A 353 -9.93 6.30 12.46
C GLU A 353 -10.10 5.15 13.49
N GLN A 354 -10.93 5.35 14.51
CA GLN A 354 -11.16 4.33 15.53
C GLN A 354 -11.66 2.98 14.96
N TYR A 355 -12.45 3.05 13.89
CA TYR A 355 -13.01 1.88 13.24
C TYR A 355 -12.56 1.84 11.81
N VAL A 356 -11.83 0.78 11.47
CA VAL A 356 -11.27 0.62 10.14
C VAL A 356 -11.83 -0.65 9.48
N PHE A 357 -12.41 -0.51 8.29
CA PHE A 357 -13.03 -1.61 7.58
C PHE A 357 -12.23 -1.82 6.31
N CYS A 358 -11.62 -3.00 6.18
CA CYS A 358 -10.69 -3.23 5.08
C CYS A 358 -10.55 -4.72 4.75
N THR A 359 -10.45 -5.07 3.45
CA THR A 359 -10.22 -6.46 3.07
C THR A 359 -8.79 -6.88 3.51
N VAL A 360 -8.54 -8.18 3.74
CA VAL A 360 -7.23 -8.69 4.16
C VAL A 360 -6.07 -8.19 3.25
N ASN A 361 -6.21 -8.34 1.91
CA ASN A 361 -5.15 -7.99 0.95
C ASN A 361 -4.81 -6.52 0.89
N ALA A 362 -5.69 -5.63 1.44
CA ALA A 362 -5.50 -4.16 1.46
C ALA A 362 -5.11 -3.63 2.86
N LEU A 363 -5.00 -4.50 3.87
CA LEU A 363 -4.70 -4.06 5.23
C LEU A 363 -3.42 -3.25 5.32
N PRO A 364 -3.46 -2.11 6.01
CA PRO A 364 -2.21 -1.39 6.27
C PRO A 364 -1.45 -2.04 7.45
N GLU A 365 -0.22 -1.59 7.69
CA GLU A 365 0.57 -2.06 8.81
C GLU A 365 0.16 -1.19 9.96
N THR A 366 -0.61 -1.73 10.89
CA THR A 366 -1.13 -0.96 12.01
C THR A 366 -1.35 -1.83 13.28
N THR A 367 -1.78 -1.20 14.36
CA THR A 367 -2.12 -1.83 15.62
C THR A 367 -3.62 -1.61 15.91
N ALA A 368 -4.18 -2.39 16.84
CA ALA A 368 -5.58 -2.30 17.22
C ALA A 368 -5.79 -2.90 18.60
N ASP A 369 -6.85 -2.48 19.29
CA ASP A 369 -7.19 -3.10 20.57
C ASP A 369 -7.90 -4.45 20.26
N ILE A 370 -8.73 -4.48 19.19
CA ILE A 370 -9.41 -5.66 18.74
C ILE A 370 -9.35 -5.73 17.21
N VAL A 371 -9.07 -6.92 16.70
CA VAL A 371 -9.16 -7.19 15.28
C VAL A 371 -10.33 -8.16 15.14
N VAL A 372 -11.32 -7.83 14.28
CA VAL A 372 -12.45 -8.73 14.04
C VAL A 372 -12.26 -9.27 12.61
N PHE A 373 -12.06 -10.58 12.48
CA PHE A 373 -11.87 -11.19 11.16
C PHE A 373 -13.15 -11.99 10.89
N ASP A 374 -13.98 -11.49 9.97
CA ASP A 374 -15.29 -12.05 9.63
C ASP A 374 -15.24 -13.00 8.43
N GLU A 375 -16.33 -13.79 8.23
CA GLU A 375 -16.50 -14.79 7.17
C GLU A 375 -15.26 -15.72 7.12
N ILE A 376 -14.92 -16.27 8.32
CA ILE A 376 -13.71 -17.06 8.52
C ILE A 376 -13.70 -18.34 7.69
N SER A 377 -14.84 -18.93 7.30
CA SER A 377 -14.79 -20.12 6.45
C SER A 377 -14.12 -19.81 5.09
N MET A 378 -14.21 -18.56 4.60
CA MET A 378 -13.62 -18.13 3.33
C MET A 378 -12.11 -17.81 3.39
N ALA A 379 -11.53 -17.73 4.57
CA ALA A 379 -10.11 -17.43 4.70
C ALA A 379 -9.28 -18.68 4.46
N THR A 380 -8.07 -18.46 3.97
CA THR A 380 -7.04 -19.49 3.81
C THR A 380 -6.01 -19.24 4.93
N ASN A 381 -5.09 -20.18 5.13
CA ASN A 381 -4.01 -19.96 6.10
C ASN A 381 -3.11 -18.79 5.68
N TYR A 382 -3.00 -18.54 4.35
CA TYR A 382 -2.25 -17.42 3.80
C TYR A 382 -2.87 -16.10 4.33
N ASP A 383 -4.20 -15.95 4.24
CA ASP A 383 -4.93 -14.79 4.79
C ASP A 383 -4.77 -14.67 6.31
N LEU A 384 -4.89 -15.80 7.06
CA LEU A 384 -4.71 -15.81 8.51
C LEU A 384 -3.34 -15.25 8.91
N SER A 385 -2.28 -15.70 8.20
CA SER A 385 -0.92 -15.26 8.42
C SER A 385 -0.74 -13.76 8.07
N VAL A 386 -1.30 -13.29 6.92
CA VAL A 386 -1.24 -11.89 6.48
C VAL A 386 -1.82 -10.99 7.55
N VAL A 387 -3.00 -11.35 8.10
CA VAL A 387 -3.62 -10.57 9.16
C VAL A 387 -2.70 -10.43 10.37
N ASN A 388 -2.12 -11.55 10.85
CA ASN A 388 -1.22 -11.50 11.99
C ASN A 388 0.04 -10.67 11.72
N ALA A 389 0.50 -10.63 10.45
CA ALA A 389 1.67 -9.87 10.05
C ALA A 389 1.38 -8.36 9.92
N ARG A 390 0.20 -7.96 9.42
CA ARG A 390 -0.10 -6.53 9.23
C ARG A 390 -0.74 -5.87 10.47
N LEU A 391 -1.43 -6.66 11.28
CA LEU A 391 -2.11 -6.15 12.46
C LEU A 391 -1.60 -6.69 13.81
N ARG A 392 -1.05 -5.80 14.65
CA ARG A 392 -0.61 -6.18 15.99
C ARG A 392 -1.71 -5.73 16.95
N ALA A 393 -2.43 -6.68 17.54
CA ALA A 393 -3.59 -6.36 18.36
C ALA A 393 -3.59 -7.00 19.73
N LYS A 394 -4.36 -6.44 20.67
CA LYS A 394 -4.50 -7.03 22.00
C LYS A 394 -5.43 -8.27 21.93
N HIS A 395 -6.47 -8.21 21.05
CA HIS A 395 -7.43 -9.30 20.91
C HIS A 395 -7.78 -9.56 19.48
N TYR A 396 -7.94 -10.82 19.13
CA TYR A 396 -8.32 -11.23 17.79
C TYR A 396 -9.61 -12.01 17.90
N VAL A 397 -10.64 -11.59 17.16
CA VAL A 397 -11.91 -12.30 17.17
C VAL A 397 -12.19 -12.85 15.79
N TYR A 398 -12.37 -14.16 15.67
CA TYR A 398 -12.63 -14.81 14.38
C TYR A 398 -14.08 -15.19 14.31
N ILE A 399 -14.79 -14.61 13.36
CA ILE A 399 -16.21 -14.88 13.20
C ILE A 399 -16.51 -15.56 11.86
N GLY A 400 -17.34 -16.59 11.92
CA GLY A 400 -17.77 -17.27 10.71
C GLY A 400 -18.53 -18.53 11.04
N ASP A 401 -18.47 -19.48 10.13
CA ASP A 401 -19.20 -20.74 10.26
C ASP A 401 -18.54 -21.82 9.40
N PRO A 402 -17.94 -22.86 10.04
CA PRO A 402 -17.33 -23.95 9.25
C PRO A 402 -18.36 -24.80 8.48
N ALA A 403 -19.66 -24.60 8.73
CA ALA A 403 -20.75 -25.25 7.98
C ALA A 403 -21.12 -24.43 6.72
N GLN A 404 -20.45 -23.29 6.46
CA GLN A 404 -20.67 -22.53 5.25
C GLN A 404 -19.51 -22.77 4.25
N LEU A 405 -19.49 -22.08 3.12
CA LEU A 405 -18.53 -22.33 2.06
C LEU A 405 -17.10 -21.83 2.31
N PRO A 406 -16.12 -22.64 1.89
CA PRO A 406 -14.72 -22.19 1.99
C PRO A 406 -14.28 -21.42 0.71
N ALA A 407 -13.05 -20.90 0.71
CA ALA A 407 -12.49 -20.27 -0.48
C ALA A 407 -12.30 -21.36 -1.54
N PRO A 408 -12.56 -21.06 -2.82
CA PRO A 408 -12.34 -22.07 -3.88
C PRO A 408 -10.87 -22.45 -3.97
N ARG A 409 -10.58 -23.74 -4.08
CA ARG A 409 -9.21 -24.22 -4.24
C ARG A 409 -9.10 -24.61 -5.71
N THR A 410 -8.70 -23.66 -6.55
CA THR A 410 -8.64 -23.86 -8.00
C THR A 410 -7.87 -25.11 -8.43
N LEU A 411 -6.80 -25.48 -7.70
CA LEU A 411 -6.01 -26.64 -8.05
C LEU A 411 -6.60 -27.97 -7.64
N LEU A 412 -7.35 -27.98 -6.55
CA LEU A 412 -7.96 -29.19 -6.00
C LEU A 412 -9.05 -29.77 -6.91
N THR A 413 -8.81 -30.97 -7.44
CA THR A 413 -9.75 -31.68 -8.28
C THR A 413 -10.06 -33.07 -7.72
N LYS A 414 -9.23 -33.62 -6.84
CA LYS A 414 -9.43 -34.96 -6.30
C LYS A 414 -9.70 -34.96 -4.81
N GLY A 415 -10.88 -35.40 -4.42
CA GLY A 415 -11.25 -35.46 -3.03
C GLY A 415 -12.03 -34.24 -2.60
N THR A 416 -12.64 -34.35 -1.44
CA THR A 416 -13.45 -33.24 -0.92
C THR A 416 -12.77 -32.72 0.33
N LEU A 417 -12.72 -31.40 0.44
CA LEU A 417 -12.11 -30.73 1.58
C LEU A 417 -13.12 -30.52 2.71
N GLU A 418 -12.95 -31.24 3.82
CA GLU A 418 -13.82 -31.12 4.99
C GLU A 418 -13.60 -29.80 5.74
N PRO A 419 -14.66 -29.27 6.41
CA PRO A 419 -14.55 -27.99 7.15
C PRO A 419 -13.37 -27.87 8.13
N GLU A 420 -13.03 -28.95 8.84
CA GLU A 420 -11.88 -28.92 9.75
C GLU A 420 -10.53 -28.65 9.06
N TYR A 421 -10.51 -28.63 7.73
CA TYR A 421 -9.30 -28.39 6.97
C TYR A 421 -9.38 -27.07 6.16
N PHE A 422 -10.42 -26.23 6.36
CA PHE A 422 -10.54 -24.99 5.62
C PHE A 422 -9.40 -24.05 5.96
N ASN A 423 -9.05 -23.97 7.23
CA ASN A 423 -7.98 -23.13 7.79
C ASN A 423 -7.84 -23.46 9.29
N SER A 424 -6.85 -22.85 9.97
CA SER A 424 -6.56 -23.09 11.39
C SER A 424 -7.74 -22.77 12.30
N VAL A 425 -8.50 -21.71 11.98
CA VAL A 425 -9.62 -21.30 12.80
C VAL A 425 -10.73 -22.34 12.70
N CYS A 426 -11.08 -22.76 11.45
CA CYS A 426 -12.10 -23.78 11.22
C CYS A 426 -11.70 -25.08 11.81
N ARG A 427 -10.40 -25.45 11.70
CA ARG A 427 -9.92 -26.66 12.35
C ARG A 427 -10.19 -26.62 13.87
N LEU A 428 -9.90 -25.50 14.54
CA LEU A 428 -10.18 -25.36 15.96
C LEU A 428 -11.68 -25.49 16.25
N MET A 429 -12.54 -24.79 15.47
CA MET A 429 -13.99 -24.85 15.69
C MET A 429 -14.56 -26.27 15.50
N LYS A 430 -13.95 -27.08 14.63
CA LYS A 430 -14.46 -28.43 14.40
C LYS A 430 -13.88 -29.48 15.34
N THR A 431 -12.75 -29.19 15.99
CA THR A 431 -12.10 -30.17 16.87
C THR A 431 -12.39 -29.90 18.36
N ILE A 432 -11.97 -28.73 18.86
CA ILE A 432 -12.23 -28.37 20.27
C ILE A 432 -13.54 -27.56 20.45
N GLY A 433 -14.20 -27.20 19.34
CA GLY A 433 -15.41 -26.39 19.38
C GLY A 433 -15.10 -24.90 19.37
N PRO A 434 -16.06 -24.09 18.94
CA PRO A 434 -15.83 -22.64 18.96
C PRO A 434 -15.89 -22.11 20.40
N ASP A 435 -15.27 -20.97 20.65
CA ASP A 435 -15.32 -20.34 21.98
C ASP A 435 -16.75 -19.85 22.26
N MET A 436 -17.44 -19.35 21.20
CA MET A 436 -18.77 -18.81 21.30
C MET A 436 -19.62 -19.34 20.12
N PHE A 437 -20.91 -19.64 20.38
CA PHE A 437 -21.84 -20.16 19.36
C PHE A 437 -23.14 -19.35 19.43
N LEU A 438 -23.56 -18.75 18.28
CA LEU A 438 -24.84 -18.02 18.26
C LEU A 438 -25.92 -19.06 17.88
N GLY A 439 -26.69 -19.51 18.87
CA GLY A 439 -27.59 -20.62 18.70
C GLY A 439 -29.00 -20.41 18.18
N THR A 440 -29.38 -19.15 17.86
CA THR A 440 -30.75 -18.90 17.43
C THR A 440 -30.80 -18.18 16.09
N CYS A 441 -31.31 -18.88 15.09
CA CYS A 441 -31.47 -18.32 13.77
C CYS A 441 -32.70 -17.43 13.77
N ARG A 442 -32.51 -16.15 13.47
CA ARG A 442 -33.60 -15.18 13.42
C ARG A 442 -34.11 -14.91 12.00
N ARG A 443 -33.44 -15.41 10.98
CA ARG A 443 -33.82 -15.10 9.59
C ARG A 443 -34.86 -16.04 9.00
N CYS A 444 -34.62 -17.34 9.16
CA CYS A 444 -35.28 -18.36 8.38
C CYS A 444 -36.55 -18.91 8.98
N PRO A 445 -37.53 -19.26 8.11
CA PRO A 445 -38.70 -19.99 8.59
C PRO A 445 -38.24 -21.30 9.28
N ALA A 446 -38.98 -21.77 10.30
CA ALA A 446 -38.57 -22.96 11.05
C ALA A 446 -38.26 -24.19 10.18
N GLU A 447 -38.96 -24.39 9.04
CA GLU A 447 -38.67 -25.55 8.15
C GLU A 447 -37.20 -25.57 7.74
N ILE A 448 -36.65 -24.40 7.38
CA ILE A 448 -35.26 -24.27 6.97
C ILE A 448 -34.33 -24.49 8.16
N VAL A 449 -34.64 -23.84 9.28
CA VAL A 449 -33.80 -23.99 10.48
C VAL A 449 -33.70 -25.45 10.94
N ASP A 450 -34.84 -26.14 11.03
CA ASP A 450 -34.86 -27.52 11.49
C ASP A 450 -34.06 -28.43 10.55
N THR A 451 -34.16 -28.19 9.23
CA THR A 451 -33.40 -28.96 8.24
C THR A 451 -31.86 -28.81 8.42
N VAL A 452 -31.32 -27.56 8.41
CA VAL A 452 -29.89 -27.33 8.53
C VAL A 452 -29.38 -27.65 9.95
N SER A 453 -30.19 -27.42 11.01
CA SER A 453 -29.83 -27.77 12.39
C SER A 453 -29.46 -29.24 12.46
N ALA A 454 -30.29 -30.14 11.87
CA ALA A 454 -30.00 -31.55 11.85
C ALA A 454 -28.86 -31.89 10.87
N LEU A 455 -28.84 -31.21 9.72
CA LEU A 455 -27.84 -31.49 8.68
C LEU A 455 -26.39 -31.19 9.08
N VAL A 456 -26.11 -29.96 9.55
CA VAL A 456 -24.73 -29.55 9.83
C VAL A 456 -24.47 -29.02 11.24
N TYR A 457 -25.52 -28.75 12.06
CA TYR A 457 -25.30 -28.15 13.38
C TYR A 457 -25.54 -29.07 14.58
N ASP A 458 -25.59 -30.39 14.38
CA ASP A 458 -25.82 -31.39 15.45
C ASP A 458 -27.04 -31.04 16.30
N ASN A 459 -28.12 -30.53 15.66
CA ASN A 459 -29.36 -30.17 16.30
C ASN A 459 -29.24 -29.06 17.34
N LYS A 460 -28.22 -28.21 17.23
CA LYS A 460 -28.00 -27.12 18.20
C LYS A 460 -28.52 -25.75 17.72
N LEU A 461 -28.91 -25.65 16.45
CA LEU A 461 -29.43 -24.39 15.92
C LEU A 461 -30.93 -24.39 16.19
N LYS A 462 -31.41 -23.33 16.85
CA LYS A 462 -32.81 -23.18 17.18
C LYS A 462 -33.52 -22.15 16.26
N ALA A 463 -34.80 -22.39 15.98
CA ALA A 463 -35.57 -21.46 15.13
C ALA A 463 -36.21 -20.41 16.02
N HIS A 464 -36.21 -19.18 15.57
CA HIS A 464 -36.90 -18.10 16.26
C HIS A 464 -38.27 -17.93 15.55
N LYS A 465 -38.27 -17.90 14.21
CA LYS A 465 -39.50 -17.77 13.47
C LYS A 465 -40.29 -19.05 13.50
N ASP A 466 -41.60 -18.91 13.29
CA ASP A 466 -42.47 -20.08 13.16
C ASP A 466 -42.19 -20.67 11.76
N LYS A 467 -42.80 -21.84 11.45
CA LYS A 467 -42.80 -22.40 10.11
C LYS A 467 -43.60 -21.40 9.22
N SER A 468 -43.05 -21.03 8.09
CA SER A 468 -43.75 -20.09 7.21
C SER A 468 -44.87 -20.75 6.39
N ALA A 469 -44.84 -22.09 6.25
CA ALA A 469 -45.71 -22.86 5.36
C ALA A 469 -45.55 -22.39 3.87
N GLN A 470 -44.38 -21.77 3.57
CA GLN A 470 -44.00 -21.33 2.23
C GLN A 470 -42.66 -21.97 1.81
N CYS A 471 -42.31 -23.15 2.37
CA CYS A 471 -41.11 -23.89 2.07
C CYS A 471 -41.53 -25.15 1.38
N PHE A 472 -41.19 -25.26 0.09
CA PHE A 472 -41.62 -26.35 -0.77
C PHE A 472 -40.44 -27.09 -1.40
N LYS A 473 -40.65 -28.37 -1.69
CA LYS A 473 -39.65 -29.19 -2.31
C LYS A 473 -40.30 -30.03 -3.39
N MET A 474 -39.54 -30.29 -4.45
CA MET A 474 -40.00 -31.13 -5.53
C MET A 474 -38.86 -31.95 -5.99
N PHE A 475 -39.09 -33.24 -6.14
CA PHE A 475 -38.07 -34.14 -6.57
C PHE A 475 -38.23 -34.27 -8.07
N TYR A 476 -37.29 -33.70 -8.83
CA TYR A 476 -37.40 -33.70 -10.29
C TYR A 476 -36.00 -33.69 -10.94
N LYS A 477 -35.55 -34.84 -11.41
CA LYS A 477 -34.22 -34.98 -11.97
C LYS A 477 -34.04 -34.20 -13.29
N GLY A 478 -35.11 -34.07 -14.10
CA GLY A 478 -35.03 -33.33 -15.34
C GLY A 478 -34.00 -33.91 -16.31
N VAL A 479 -33.29 -33.00 -17.03
CA VAL A 479 -32.30 -33.38 -18.04
C VAL A 479 -31.12 -32.47 -17.87
N ILE A 480 -29.94 -33.05 -17.79
CA ILE A 480 -28.73 -32.31 -17.54
C ILE A 480 -27.92 -32.14 -18.78
N THR A 481 -27.79 -30.89 -19.20
CA THR A 481 -26.93 -30.55 -20.32
C THR A 481 -25.70 -29.84 -19.72
N HIS A 482 -24.67 -29.61 -20.52
CA HIS A 482 -23.46 -28.96 -20.03
C HIS A 482 -22.91 -27.94 -21.02
N ASP A 483 -22.51 -26.78 -20.49
CA ASP A 483 -21.87 -25.66 -21.17
C ASP A 483 -20.43 -25.85 -20.70
N VAL A 484 -19.71 -26.72 -21.40
CA VAL A 484 -18.36 -27.19 -21.07
C VAL A 484 -18.55 -28.21 -19.89
N SER A 485 -18.24 -27.84 -18.65
CA SER A 485 -18.48 -28.68 -17.47
C SER A 485 -19.58 -28.07 -16.54
N SER A 486 -19.93 -26.77 -16.77
CA SER A 486 -20.97 -26.08 -16.02
C SER A 486 -22.30 -26.62 -16.51
N ALA A 487 -23.11 -27.08 -15.59
CA ALA A 487 -24.34 -27.77 -15.88
C ALA A 487 -25.61 -26.88 -16.02
N ILE A 488 -26.53 -27.36 -16.81
CA ILE A 488 -27.83 -26.71 -17.04
C ILE A 488 -28.88 -27.81 -16.93
N ASN A 489 -30.06 -27.48 -16.41
CA ASN A 489 -31.19 -28.38 -16.31
C ASN A 489 -32.44 -27.58 -16.73
N ARG A 490 -32.69 -27.49 -18.03
CA ARG A 490 -33.84 -26.77 -18.59
C ARG A 490 -35.17 -27.30 -18.02
N PRO A 491 -35.41 -28.64 -17.92
CA PRO A 491 -36.66 -29.10 -17.32
C PRO A 491 -36.89 -28.58 -15.87
N GLN A 492 -35.82 -28.46 -15.04
CA GLN A 492 -35.98 -27.92 -13.69
C GLN A 492 -36.40 -26.44 -13.74
N ILE A 493 -35.86 -25.69 -14.72
CA ILE A 493 -36.27 -24.31 -14.96
C ILE A 493 -37.76 -24.23 -15.46
N GLY A 494 -38.18 -25.21 -16.28
CA GLY A 494 -39.54 -25.29 -16.79
C GLY A 494 -40.51 -25.53 -15.65
N VAL A 495 -40.14 -26.39 -14.68
CA VAL A 495 -40.96 -26.61 -13.48
C VAL A 495 -41.12 -25.27 -12.69
N VAL A 496 -40.04 -24.48 -12.57
CA VAL A 496 -40.07 -23.21 -11.90
C VAL A 496 -41.01 -22.25 -12.61
N ARG A 497 -40.89 -22.18 -13.94
CA ARG A 497 -41.77 -21.34 -14.75
C ARG A 497 -43.28 -21.68 -14.50
N GLU A 498 -43.63 -22.97 -14.44
CA GLU A 498 -45.01 -23.38 -14.14
C GLU A 498 -45.43 -22.97 -12.72
N PHE A 499 -44.53 -23.17 -11.76
CA PHE A 499 -44.76 -22.78 -10.37
C PHE A 499 -45.02 -21.26 -10.25
N LEU A 500 -44.22 -20.43 -10.96
CA LEU A 500 -44.42 -18.98 -10.93
C LEU A 500 -45.79 -18.53 -11.43
N THR A 501 -46.32 -19.22 -12.47
CA THR A 501 -47.64 -18.87 -12.99
C THR A 501 -48.73 -19.08 -11.90
N ARG A 502 -48.53 -20.04 -10.99
CA ARG A 502 -49.45 -20.41 -9.91
C ARG A 502 -49.17 -19.71 -8.59
N ASN A 503 -48.00 -19.12 -8.46
CA ASN A 503 -47.59 -18.49 -7.24
C ASN A 503 -46.98 -17.13 -7.53
N PRO A 504 -47.83 -16.16 -7.93
CA PRO A 504 -47.33 -14.84 -8.34
C PRO A 504 -46.56 -14.06 -7.30
N ALA A 505 -46.78 -14.35 -6.01
CA ALA A 505 -45.99 -13.70 -4.95
C ALA A 505 -44.49 -14.02 -5.13
N TRP A 506 -44.19 -15.18 -5.69
CA TRP A 506 -42.83 -15.64 -5.92
C TRP A 506 -42.13 -14.94 -7.07
N ARG A 507 -42.83 -13.97 -7.74
CA ARG A 507 -42.27 -13.14 -8.80
C ARG A 507 -41.05 -12.34 -8.31
N LYS A 508 -41.00 -12.06 -7.02
CA LYS A 508 -39.95 -11.31 -6.38
C LYS A 508 -38.79 -12.25 -5.88
N ALA A 509 -38.81 -13.57 -6.21
CA ALA A 509 -37.79 -14.49 -5.72
C ALA A 509 -36.43 -14.32 -6.41
N VAL A 510 -35.36 -14.72 -5.70
CA VAL A 510 -34.02 -14.79 -6.25
C VAL A 510 -33.82 -16.23 -6.66
N PHE A 511 -33.36 -16.44 -7.88
CA PHE A 511 -33.09 -17.78 -8.40
C PHE A 511 -31.66 -18.16 -8.00
N ILE A 512 -31.50 -19.32 -7.38
CA ILE A 512 -30.20 -19.81 -6.92
C ILE A 512 -29.97 -21.21 -7.43
N SER A 513 -28.74 -21.49 -7.86
CA SER A 513 -28.34 -22.80 -8.31
C SER A 513 -26.83 -22.97 -8.06
N PRO A 514 -26.31 -24.20 -8.09
CA PRO A 514 -24.86 -24.37 -7.91
C PRO A 514 -24.05 -24.02 -9.20
N TYR A 515 -24.71 -23.58 -10.29
CA TYR A 515 -24.04 -23.40 -11.60
C TYR A 515 -24.35 -22.08 -12.31
N ASN A 516 -23.30 -21.39 -12.78
CA ASN A 516 -23.50 -20.14 -13.51
C ASN A 516 -24.30 -20.33 -14.78
N SER A 517 -24.07 -21.42 -15.52
CA SER A 517 -24.76 -21.69 -16.77
C SER A 517 -26.26 -21.95 -16.52
N GLN A 518 -26.61 -22.66 -15.44
CA GLN A 518 -28.00 -22.85 -15.04
C GLN A 518 -28.66 -21.46 -14.79
N ASN A 519 -27.95 -20.58 -14.07
CA ASN A 519 -28.40 -19.22 -13.76
C ASN A 519 -28.58 -18.36 -15.01
N ALA A 520 -27.69 -18.50 -16.00
CA ALA A 520 -27.80 -17.73 -17.26
C ALA A 520 -29.06 -18.16 -18.01
N VAL A 521 -29.36 -19.47 -18.02
CA VAL A 521 -30.59 -19.94 -18.67
C VAL A 521 -31.84 -19.47 -17.89
N ALA A 522 -31.83 -19.62 -16.56
CA ALA A 522 -32.96 -19.19 -15.71
C ALA A 522 -33.21 -17.68 -15.85
N SER A 523 -32.15 -16.88 -15.98
CA SER A 523 -32.26 -15.44 -16.15
C SER A 523 -33.06 -15.09 -17.42
N LYS A 524 -32.78 -15.75 -18.54
CA LYS A 524 -33.49 -15.50 -19.79
C LYS A 524 -34.97 -16.00 -19.76
N ILE A 525 -35.19 -17.22 -19.25
CA ILE A 525 -36.53 -17.82 -19.22
C ILE A 525 -37.47 -17.26 -18.12
N LEU A 526 -36.94 -17.03 -16.92
CA LEU A 526 -37.71 -16.59 -15.76
C LEU A 526 -37.68 -15.09 -15.54
N GLY A 527 -36.57 -14.45 -15.86
CA GLY A 527 -36.40 -13.03 -15.59
C GLY A 527 -36.09 -12.71 -14.13
N LEU A 528 -35.92 -13.75 -13.28
CA LEU A 528 -35.60 -13.54 -11.87
C LEU A 528 -34.15 -13.13 -11.74
N PRO A 529 -33.81 -12.30 -10.72
CA PRO A 529 -32.38 -12.07 -10.42
C PRO A 529 -31.79 -13.44 -10.02
N THR A 530 -30.52 -13.58 -10.28
CA THR A 530 -29.82 -14.83 -10.20
C THR A 530 -28.55 -14.73 -9.30
N GLN A 531 -28.23 -15.79 -8.54
CA GLN A 531 -27.04 -15.95 -7.72
C GLN A 531 -26.62 -17.40 -7.74
N THR A 532 -25.32 -17.66 -7.72
CA THR A 532 -24.83 -19.02 -7.50
C THR A 532 -24.93 -19.18 -5.99
N VAL A 533 -24.86 -20.42 -5.47
CA VAL A 533 -24.86 -20.60 -4.01
C VAL A 533 -23.69 -19.85 -3.35
N ASP A 534 -22.50 -19.98 -3.97
CA ASP A 534 -21.27 -19.35 -3.49
C ASP A 534 -21.40 -17.81 -3.46
N SER A 535 -21.96 -17.16 -4.49
CA SER A 535 -22.13 -15.70 -4.45
C SER A 535 -23.29 -15.24 -3.52
N SER A 536 -24.25 -16.14 -3.20
CA SER A 536 -25.36 -15.77 -2.30
C SER A 536 -24.96 -15.72 -0.82
N GLN A 537 -23.86 -16.37 -0.46
CA GLN A 537 -23.37 -16.42 0.94
C GLN A 537 -23.22 -15.04 1.54
N GLY A 538 -23.80 -14.85 2.72
CA GLY A 538 -23.83 -13.57 3.40
C GLY A 538 -25.07 -12.73 3.08
N SER A 539 -25.83 -13.10 2.02
CA SER A 539 -27.02 -12.38 1.61
C SER A 539 -28.32 -13.10 2.04
N GLU A 540 -29.42 -12.35 2.11
CA GLU A 540 -30.72 -12.87 2.47
C GLU A 540 -31.78 -12.23 1.59
N TYR A 541 -32.81 -13.01 1.29
CA TYR A 541 -33.91 -12.62 0.40
C TYR A 541 -35.20 -13.20 0.96
N ASP A 542 -36.33 -12.54 0.70
CA ASP A 542 -37.62 -13.06 1.16
C ASP A 542 -37.91 -14.41 0.56
N TYR A 543 -37.77 -14.53 -0.75
CA TYR A 543 -38.06 -15.78 -1.45
C TYR A 543 -36.89 -16.25 -2.28
N VAL A 544 -36.65 -17.54 -2.23
CA VAL A 544 -35.57 -18.15 -2.95
C VAL A 544 -36.11 -19.32 -3.75
N ILE A 545 -35.63 -19.44 -4.98
CA ILE A 545 -35.97 -20.59 -5.78
C ILE A 545 -34.64 -21.25 -6.08
N PHE A 546 -34.50 -22.51 -5.68
CA PHE A 546 -33.28 -23.25 -5.89
C PHE A 546 -33.48 -24.47 -6.78
N THR A 547 -32.64 -24.61 -7.81
CA THR A 547 -32.68 -25.80 -8.66
C THR A 547 -31.34 -26.46 -8.44
N GLN A 548 -31.34 -27.66 -7.86
CA GLN A 548 -30.12 -28.37 -7.61
C GLN A 548 -29.28 -28.63 -8.88
N THR A 549 -29.93 -28.66 -10.07
CA THR A 549 -29.38 -28.84 -11.45
C THR A 549 -28.83 -30.26 -11.72
N THR A 550 -27.96 -30.77 -10.86
CA THR A 550 -27.31 -32.09 -10.99
C THR A 550 -27.26 -32.81 -9.62
N GLU A 551 -26.80 -34.06 -9.60
CA GLU A 551 -26.54 -34.87 -8.42
C GLU A 551 -25.01 -35.06 -8.22
N THR A 552 -24.19 -34.05 -8.50
CA THR A 552 -22.73 -34.16 -8.33
C THR A 552 -22.25 -33.95 -6.87
N ALA A 553 -20.95 -34.17 -6.58
CA ALA A 553 -20.37 -33.88 -5.26
C ALA A 553 -20.52 -32.32 -5.00
N HIS A 554 -20.35 -31.50 -6.06
CA HIS A 554 -20.54 -30.05 -5.98
C HIS A 554 -21.99 -29.64 -5.55
N SER A 555 -23.01 -30.14 -6.25
CA SER A 555 -24.39 -29.78 -5.96
C SER A 555 -24.94 -30.50 -4.72
N CYS A 556 -24.27 -31.56 -4.23
CA CYS A 556 -24.72 -32.27 -3.02
C CYS A 556 -23.94 -31.93 -1.77
N ASN A 557 -22.93 -31.04 -1.88
CA ASN A 557 -22.10 -30.66 -0.76
C ASN A 557 -23.00 -30.07 0.37
N VAL A 558 -22.91 -30.61 1.61
CA VAL A 558 -23.80 -30.17 2.67
C VAL A 558 -23.60 -28.72 3.04
N ASN A 559 -22.38 -28.18 2.95
CA ASN A 559 -22.12 -26.76 3.26
C ASN A 559 -22.78 -25.88 2.20
N ARG A 560 -22.64 -26.25 0.93
CA ARG A 560 -23.27 -25.50 -0.15
C ARG A 560 -24.81 -25.59 -0.03
N PHE A 561 -25.33 -26.80 0.29
CA PHE A 561 -26.78 -26.97 0.49
C PHE A 561 -27.32 -26.10 1.65
N ASN A 562 -26.58 -26.07 2.77
CA ASN A 562 -26.83 -25.28 3.99
C ASN A 562 -26.95 -23.81 3.59
N VAL A 563 -25.95 -23.26 2.91
CA VAL A 563 -25.94 -21.87 2.44
C VAL A 563 -27.12 -21.61 1.50
N ALA A 564 -27.36 -22.53 0.52
CA ALA A 564 -28.45 -22.31 -0.42
C ALA A 564 -29.82 -22.07 0.25
N ILE A 565 -30.22 -22.95 1.18
CA ILE A 565 -31.57 -22.86 1.73
C ILE A 565 -31.70 -21.85 2.88
N THR A 566 -30.60 -21.44 3.51
CA THR A 566 -30.64 -20.43 4.57
C THR A 566 -30.55 -18.99 4.04
N ARG A 567 -30.68 -18.79 2.71
CA ARG A 567 -30.75 -17.42 2.16
C ARG A 567 -32.19 -16.85 2.36
N ALA A 568 -33.20 -17.71 2.53
CA ALA A 568 -34.61 -17.32 2.60
C ALA A 568 -35.10 -16.84 3.95
N LYS A 569 -35.78 -15.70 3.93
CA LYS A 569 -36.44 -15.12 5.11
C LYS A 569 -37.89 -15.62 5.21
N VAL A 570 -38.55 -15.86 4.06
CA VAL A 570 -39.97 -16.21 4.08
C VAL A 570 -40.30 -17.54 3.43
N GLY A 571 -39.95 -17.69 2.16
CA GLY A 571 -40.22 -18.91 1.45
C GLY A 571 -39.06 -19.40 0.61
N ILE A 572 -39.09 -20.69 0.31
CA ILE A 572 -38.11 -21.31 -0.55
C ILE A 572 -38.77 -22.43 -1.31
N LEU A 573 -38.38 -22.58 -2.59
CA LEU A 573 -38.81 -23.67 -3.43
C LEU A 573 -37.51 -24.38 -3.80
N CYS A 574 -37.41 -25.68 -3.52
CA CYS A 574 -36.24 -26.47 -3.88
C CYS A 574 -36.61 -27.52 -4.88
N ILE A 575 -36.08 -27.43 -6.11
CA ILE A 575 -36.28 -28.45 -7.13
C ILE A 575 -34.98 -29.28 -7.02
N MET A 576 -35.10 -30.51 -6.52
CA MET A 576 -34.01 -31.38 -6.16
C MET A 576 -33.75 -32.51 -7.13
N SER A 577 -32.49 -32.86 -7.23
CA SER A 577 -32.00 -33.97 -8.05
C SER A 577 -31.58 -35.14 -7.14
N ASP A 578 -31.09 -34.83 -5.93
CA ASP A 578 -30.59 -35.79 -4.97
C ASP A 578 -31.66 -36.25 -4.02
N ARG A 579 -31.93 -37.56 -3.98
CA ARG A 579 -32.94 -38.15 -3.10
C ARG A 579 -32.65 -37.93 -1.61
N ASP A 580 -31.40 -38.09 -1.20
CA ASP A 580 -30.94 -37.92 0.18
C ASP A 580 -31.29 -36.49 0.71
N LEU A 581 -30.77 -35.43 0.05
CA LEU A 581 -31.04 -34.07 0.47
C LEU A 581 -32.51 -33.72 0.34
N TYR A 582 -33.20 -34.24 -0.71
CA TYR A 582 -34.65 -34.03 -0.86
C TYR A 582 -35.39 -34.62 0.37
N ASP A 583 -35.05 -35.85 0.79
CA ASP A 583 -35.74 -36.48 1.91
C ASP A 583 -35.46 -35.77 3.22
N LYS A 584 -34.30 -35.11 3.36
CA LYS A 584 -33.91 -34.35 4.53
C LYS A 584 -34.62 -33.00 4.61
N LEU A 585 -35.05 -32.41 3.46
CA LEU A 585 -35.73 -31.12 3.51
C LEU A 585 -37.10 -31.28 4.26
N GLN A 586 -37.28 -30.52 5.36
CA GLN A 586 -38.51 -30.60 6.14
C GLN A 586 -39.50 -29.62 5.56
N PHE A 587 -39.80 -29.79 4.24
CA PHE A 587 -40.65 -28.90 3.47
C PHE A 587 -41.85 -29.67 3.01
N THR A 588 -42.88 -28.94 2.61
CA THR A 588 -44.06 -29.50 1.99
C THR A 588 -43.66 -29.94 0.54
N SER A 589 -43.93 -31.19 0.16
CA SER A 589 -43.64 -31.62 -1.20
C SER A 589 -44.74 -31.22 -2.14
N LEU A 590 -44.34 -30.80 -3.33
CA LEU A 590 -45.24 -30.45 -4.40
C LEU A 590 -45.26 -31.61 -5.39
N GLU A 591 -46.42 -31.84 -6.02
CA GLU A 591 -46.60 -32.88 -7.01
C GLU A 591 -46.10 -32.41 -8.40
N ILE A 592 -45.83 -33.40 -9.30
CA ILE A 592 -45.38 -33.39 -10.72
C ILE A 592 -43.98 -34.01 -10.78
N VAL B 2 -5.78 7.95 24.53
CA VAL B 2 -4.71 8.06 25.51
C VAL B 2 -3.32 7.83 24.91
N GLY B 3 -2.36 8.68 25.31
CA GLY B 3 -0.98 8.66 24.83
C GLY B 3 -0.06 9.69 25.48
N ALA B 4 1.14 9.88 24.93
CA ALA B 4 2.17 10.78 25.46
C ALA B 4 2.08 12.22 24.91
N CYS B 5 2.35 13.22 25.78
CA CYS B 5 2.32 14.65 25.48
C CYS B 5 3.42 15.00 24.48
N VAL B 6 3.10 15.80 23.45
CA VAL B 6 4.11 16.21 22.46
C VAL B 6 5.14 17.20 23.03
N LEU B 7 4.87 17.85 24.19
CA LEU B 7 5.83 18.80 24.76
C LEU B 7 6.58 18.26 25.99
N CYS B 8 5.93 17.32 26.70
CA CYS B 8 6.38 16.77 27.99
C CYS B 8 6.77 15.33 27.97
N ASN B 9 6.02 14.56 27.19
CA ASN B 9 6.04 13.11 27.20
C ASN B 9 5.11 12.55 28.29
N SER B 10 4.66 13.41 29.25
CA SER B 10 3.75 13.10 30.34
C SER B 10 2.51 12.40 29.82
N GLN B 11 2.17 11.22 30.36
CA GLN B 11 1.01 10.43 29.95
C GLN B 11 -0.28 11.27 29.96
N THR B 12 -1.21 11.07 29.01
CA THR B 12 -2.45 11.87 28.99
C THR B 12 -3.66 11.29 28.28
N SER B 13 -4.85 11.69 28.76
CA SER B 13 -6.13 11.39 28.14
C SER B 13 -6.61 12.58 27.24
N LEU B 14 -5.78 13.61 27.03
CA LEU B 14 -6.19 14.80 26.26
C LEU B 14 -5.44 14.96 24.95
N ARG B 15 -6.18 15.40 23.93
CA ARG B 15 -5.68 15.73 22.61
C ARG B 15 -6.33 17.07 22.24
N CYS B 16 -5.57 18.00 21.61
CA CYS B 16 -6.17 19.25 21.17
C CYS B 16 -7.01 19.02 19.94
N GLY B 17 -8.30 19.31 20.06
CA GLY B 17 -9.26 19.15 18.98
C GLY B 17 -9.18 20.22 17.92
N ALA B 18 -8.56 21.37 18.20
CA ALA B 18 -8.44 22.45 17.20
C ALA B 18 -7.17 22.32 16.36
N CYS B 19 -6.14 21.60 16.89
CA CYS B 19 -4.92 21.31 16.14
C CYS B 19 -5.30 20.32 15.06
N ILE B 20 -4.80 20.55 13.84
CA ILE B 20 -5.14 19.63 12.75
C ILE B 20 -4.57 18.23 12.96
N ARG B 21 -3.49 18.10 13.74
CA ARG B 21 -2.93 16.77 14.02
C ARG B 21 -3.44 16.13 15.33
N ARG B 22 -4.30 16.87 16.08
CA ARG B 22 -4.84 16.42 17.36
C ARG B 22 -3.77 15.87 18.31
N PRO B 23 -2.70 16.63 18.58
CA PRO B 23 -1.63 16.09 19.43
C PRO B 23 -2.05 15.86 20.86
N PHE B 24 -1.47 14.81 21.47
CA PHE B 24 -1.71 14.54 22.88
C PHE B 24 -1.03 15.65 23.69
N LEU B 25 -1.79 16.26 24.61
CA LEU B 25 -1.31 17.31 25.46
C LEU B 25 -1.70 16.95 26.88
N CYS B 26 -0.74 16.96 27.82
CA CYS B 26 -1.04 16.63 29.21
C CYS B 26 -1.87 17.73 29.85
N CYS B 27 -2.48 17.47 31.02
CA CYS B 27 -3.28 18.44 31.78
C CYS B 27 -2.63 19.83 31.85
N LYS B 28 -1.32 19.82 32.10
CA LYS B 28 -0.52 21.03 32.18
C LYS B 28 -0.44 21.74 30.81
N CYS B 29 0.13 21.08 29.78
CA CYS B 29 0.38 21.71 28.48
C CYS B 29 -0.91 22.01 27.68
N CYS B 30 -1.95 21.20 27.88
CA CYS B 30 -3.26 21.42 27.26
C CYS B 30 -3.81 22.75 27.73
N TYR B 31 -3.69 23.02 29.05
CA TYR B 31 -4.15 24.27 29.65
C TYR B 31 -3.37 25.45 29.07
N ASP B 32 -2.02 25.43 29.14
CA ASP B 32 -1.23 26.54 28.61
C ASP B 32 -1.49 26.81 27.13
N HIS B 33 -1.87 25.75 26.35
CA HIS B 33 -2.18 25.87 24.92
C HIS B 33 -3.55 26.51 24.72
N VAL B 34 -4.60 26.00 25.43
CA VAL B 34 -5.96 26.53 25.30
C VAL B 34 -6.04 27.97 25.78
N ILE B 35 -5.34 28.35 26.86
CA ILE B 35 -5.42 29.74 27.36
C ILE B 35 -4.66 30.73 26.49
N SER B 36 -3.64 30.29 25.75
CA SER B 36 -2.83 31.23 24.96
C SER B 36 -3.19 31.31 23.48
N THR B 37 -4.04 30.39 22.98
CA THR B 37 -4.42 30.38 21.58
C THR B 37 -5.98 30.42 21.44
N SER B 38 -6.48 30.48 20.17
CA SER B 38 -7.89 30.33 19.83
C SER B 38 -8.32 28.82 19.94
N HIS B 39 -7.38 27.89 20.21
CA HIS B 39 -7.69 26.47 20.29
C HIS B 39 -8.34 26.15 21.63
N LYS B 40 -9.65 25.84 21.63
CA LYS B 40 -10.37 25.54 22.87
C LYS B 40 -11.05 24.17 22.86
N LEU B 41 -11.02 23.43 21.73
CA LEU B 41 -11.66 22.11 21.71
C LEU B 41 -10.70 21.10 22.27
N VAL B 42 -11.08 20.40 23.34
CA VAL B 42 -10.25 19.37 23.94
C VAL B 42 -10.92 18.00 23.74
N LEU B 43 -10.15 16.98 23.33
CA LEU B 43 -10.67 15.65 23.09
C LEU B 43 -10.10 14.67 24.11
N SER B 44 -10.92 13.74 24.59
CA SER B 44 -10.49 12.72 25.55
C SER B 44 -11.03 11.36 25.06
N VAL B 45 -11.59 10.50 25.95
CA VAL B 45 -12.34 9.30 25.57
C VAL B 45 -13.61 9.83 24.81
N ASN B 46 -14.21 10.92 25.34
CA ASN B 46 -15.31 11.70 24.77
C ASN B 46 -14.78 13.13 24.46
N PRO B 47 -15.35 13.84 23.46
CA PRO B 47 -14.93 15.24 23.26
C PRO B 47 -15.52 16.11 24.37
N TYR B 48 -14.77 17.12 24.79
CA TYR B 48 -15.23 18.02 25.83
C TYR B 48 -16.18 18.99 25.20
N VAL B 49 -17.43 18.61 25.23
CA VAL B 49 -18.53 19.36 24.65
C VAL B 49 -19.75 19.24 25.57
N CYS B 50 -20.65 20.24 25.53
CA CYS B 50 -21.84 20.16 26.37
C CYS B 50 -22.76 19.05 25.91
N ASN B 51 -22.91 18.05 26.79
CA ASN B 51 -23.74 16.88 26.61
C ASN B 51 -25.25 17.21 26.59
N ALA B 52 -25.66 18.41 27.04
CA ALA B 52 -27.05 18.82 27.03
C ALA B 52 -27.54 18.89 25.59
N PRO B 53 -28.73 18.33 25.30
CA PRO B 53 -29.23 18.30 23.92
C PRO B 53 -29.36 19.67 23.24
N GLY B 54 -28.90 19.74 21.98
CA GLY B 54 -28.96 20.97 21.18
C GLY B 54 -28.00 22.07 21.55
N CYS B 55 -27.23 21.89 22.64
CA CYS B 55 -26.27 22.89 23.08
C CYS B 55 -24.99 22.82 22.28
N ASP B 56 -24.47 24.00 21.89
CA ASP B 56 -23.25 24.05 21.08
C ASP B 56 -21.99 24.55 21.83
N VAL B 57 -21.91 24.39 23.17
CA VAL B 57 -20.71 24.82 23.89
C VAL B 57 -19.60 23.78 23.75
N THR B 58 -18.49 24.15 23.07
CA THR B 58 -17.31 23.32 22.84
C THR B 58 -16.06 23.86 23.54
N ASP B 59 -16.05 25.15 23.93
CA ASP B 59 -14.91 25.79 24.60
C ASP B 59 -14.69 25.17 25.98
N VAL B 60 -13.53 24.52 26.17
CA VAL B 60 -13.11 23.85 27.41
C VAL B 60 -13.09 24.79 28.63
N THR B 61 -12.78 26.08 28.43
CA THR B 61 -12.73 27.05 29.52
C THR B 61 -14.16 27.42 30.05
N GLN B 62 -15.21 27.12 29.23
CA GLN B 62 -16.61 27.35 29.57
C GLN B 62 -17.37 26.02 29.87
N LEU B 63 -16.64 24.90 30.10
CA LEU B 63 -17.23 23.58 30.39
C LEU B 63 -16.82 23.00 31.75
N TYR B 64 -17.66 22.07 32.29
CA TYR B 64 -17.57 21.43 33.62
C TYR B 64 -17.93 19.95 33.57
N LEU B 65 -17.36 19.15 34.47
CA LEU B 65 -17.70 17.73 34.61
C LEU B 65 -18.85 17.55 35.62
N GLY B 66 -20.03 17.18 35.10
CA GLY B 66 -21.24 16.93 35.87
C GLY B 66 -21.46 15.44 36.03
N GLY B 67 -20.78 14.86 37.01
CA GLY B 67 -20.82 13.43 37.27
C GLY B 67 -19.83 12.70 36.40
N MET B 68 -20.32 12.17 35.28
CA MET B 68 -19.51 11.48 34.27
C MET B 68 -19.54 12.20 32.90
N SER B 69 -20.51 13.12 32.72
CA SER B 69 -20.74 13.89 31.51
C SER B 69 -20.17 15.33 31.59
N TYR B 70 -20.19 16.07 30.49
CA TYR B 70 -19.65 17.41 30.43
C TYR B 70 -20.75 18.39 30.08
N TYR B 71 -20.80 19.53 30.78
CA TYR B 71 -21.83 20.54 30.54
C TYR B 71 -21.25 21.95 30.62
N CYS B 72 -21.91 22.92 29.98
CA CYS B 72 -21.48 24.32 30.08
C CYS B 72 -22.03 24.96 31.40
N LYS B 73 -21.80 26.27 31.61
CA LYS B 73 -22.28 26.99 32.79
C LYS B 73 -23.84 26.99 32.84
N SER B 74 -24.52 27.00 31.65
CA SER B 74 -25.99 27.00 31.51
C SER B 74 -26.66 25.66 31.75
N HIS B 75 -25.93 24.55 31.61
CA HIS B 75 -26.53 23.23 31.74
C HIS B 75 -25.97 22.35 32.82
N LYS B 76 -24.91 22.78 33.49
CA LYS B 76 -24.26 21.96 34.51
C LYS B 76 -25.16 21.67 35.72
N PRO B 77 -25.02 20.46 36.31
CA PRO B 77 -25.73 20.18 37.56
C PRO B 77 -25.06 20.91 38.75
N PRO B 78 -25.73 21.03 39.92
CA PRO B 78 -25.10 21.71 41.06
C PRO B 78 -23.75 21.11 41.47
N ILE B 79 -23.63 19.76 41.44
CA ILE B 79 -22.37 19.13 41.80
C ILE B 79 -21.55 18.87 40.53
N SER B 80 -20.71 19.86 40.20
CA SER B 80 -19.85 19.83 39.02
C SER B 80 -18.53 20.59 39.26
N PHE B 81 -17.42 20.16 38.61
CA PHE B 81 -16.16 20.93 38.73
C PHE B 81 -15.66 21.38 37.35
N PRO B 82 -15.08 22.59 37.24
CA PRO B 82 -14.66 23.09 35.91
C PRO B 82 -13.60 22.18 35.29
N LEU B 83 -13.72 21.87 34.00
CA LEU B 83 -12.71 21.02 33.34
C LEU B 83 -11.36 21.74 33.31
N CYS B 84 -11.40 23.02 33.00
CA CYS B 84 -10.23 23.83 32.80
C CYS B 84 -10.02 24.93 33.87
N ALA B 85 -9.27 24.63 34.93
CA ALA B 85 -9.00 25.52 36.08
C ALA B 85 -7.71 25.07 36.81
N ASN B 86 -7.10 25.97 37.63
CA ASN B 86 -5.89 25.64 38.41
C ASN B 86 -4.66 25.28 37.52
N GLY B 87 -4.53 25.91 36.35
CA GLY B 87 -3.39 25.66 35.45
C GLY B 87 -3.40 24.32 34.74
N GLN B 88 -4.52 23.62 34.81
CA GLN B 88 -4.66 22.32 34.21
C GLN B 88 -6.03 22.13 33.56
N VAL B 89 -6.08 21.20 32.61
CA VAL B 89 -7.32 20.75 31.98
C VAL B 89 -7.58 19.35 32.59
N PHE B 90 -8.80 19.07 33.04
CA PHE B 90 -9.11 17.79 33.67
C PHE B 90 -9.06 16.62 32.69
N GLY B 91 -8.32 15.58 33.04
CA GLY B 91 -8.21 14.34 32.27
C GLY B 91 -7.66 13.22 33.12
N LEU B 92 -7.01 12.24 32.51
CA LEU B 92 -6.34 11.18 33.26
C LEU B 92 -4.88 11.57 33.48
N TYR B 93 -4.23 10.96 34.49
CA TYR B 93 -2.80 11.14 34.80
C TYR B 93 -2.41 12.58 35.24
N LYS B 94 -3.31 13.28 35.99
CA LYS B 94 -3.10 14.65 36.51
C LYS B 94 -1.90 14.78 37.46
N ASN B 95 -1.58 13.67 38.16
CA ASN B 95 -0.48 13.56 39.10
C ASN B 95 0.89 13.51 38.40
N THR B 96 0.95 13.03 37.13
CA THR B 96 2.18 12.94 36.33
C THR B 96 2.27 14.02 35.20
N CYS B 97 2.37 15.32 35.57
CA CYS B 97 2.52 16.43 34.62
C CYS B 97 3.75 17.26 34.99
N VAL B 98 4.56 17.64 34.00
CA VAL B 98 5.76 18.43 34.27
C VAL B 98 5.68 19.86 33.69
N GLY B 99 5.09 19.98 32.49
CA GLY B 99 4.90 21.27 31.83
C GLY B 99 6.09 21.75 31.01
N SER B 100 5.99 22.97 30.53
CA SER B 100 7.06 23.59 29.75
C SER B 100 7.13 25.06 30.12
N ASP B 101 8.35 25.58 30.39
CA ASP B 101 8.58 26.97 30.79
C ASP B 101 8.14 28.01 29.75
N ASN B 102 8.03 27.57 28.46
CA ASN B 102 7.59 28.39 27.32
C ASN B 102 6.99 27.50 26.21
N VAL B 103 5.66 27.32 26.25
CA VAL B 103 4.85 26.57 25.27
C VAL B 103 4.63 27.37 23.94
N THR B 104 5.42 28.46 23.76
CA THR B 104 5.37 29.49 22.73
C THR B 104 5.69 28.97 21.34
N ASP B 105 6.66 28.06 21.21
CA ASP B 105 7.01 27.51 19.88
C ASP B 105 5.92 26.54 19.39
N PHE B 106 5.39 25.69 20.31
CA PHE B 106 4.30 24.77 20.04
C PHE B 106 3.07 25.54 19.52
N ASN B 107 2.72 26.65 20.19
CA ASN B 107 1.55 27.46 19.81
C ASN B 107 1.72 28.04 18.41
N ALA B 108 2.92 28.54 18.07
CA ALA B 108 3.18 29.13 16.75
C ALA B 108 3.10 28.07 15.64
N ILE B 109 3.66 26.87 15.86
CA ILE B 109 3.57 25.77 14.89
C ILE B 109 2.10 25.35 14.72
N ALA B 110 1.39 25.20 15.84
CA ALA B 110 -0.01 24.76 15.88
C ALA B 110 -0.99 25.72 15.19
N THR B 111 -0.70 27.04 15.16
CA THR B 111 -1.64 28.03 14.61
C THR B 111 -1.18 28.71 13.31
N CYS B 112 0.10 28.55 12.90
CA CYS B 112 0.59 29.19 11.66
C CYS B 112 -0.07 28.59 10.41
N ASP B 113 -0.12 29.36 9.33
CA ASP B 113 -0.72 28.88 8.09
C ASP B 113 0.31 28.38 7.05
N TRP B 114 1.62 28.38 7.41
CA TRP B 114 2.74 27.88 6.60
C TRP B 114 2.96 28.66 5.29
N THR B 115 2.53 29.94 5.23
CA THR B 115 2.73 30.76 4.03
C THR B 115 3.99 31.66 4.16
N ASN B 116 4.59 31.76 5.37
CA ASN B 116 5.76 32.60 5.64
C ASN B 116 6.98 31.73 5.86
N ALA B 117 8.15 32.21 5.41
CA ALA B 117 9.41 31.48 5.58
C ALA B 117 9.75 31.30 7.07
N GLY B 118 9.35 32.25 7.92
CA GLY B 118 9.57 32.19 9.37
C GLY B 118 8.94 30.98 10.02
N ASP B 119 7.84 30.46 9.42
CA ASP B 119 7.16 29.26 9.90
C ASP B 119 8.07 28.02 9.71
N TYR B 120 8.78 27.99 8.58
CA TYR B 120 9.72 26.91 8.24
C TYR B 120 11.02 27.05 9.01
N ILE B 121 11.43 28.29 9.34
CA ILE B 121 12.62 28.51 10.13
C ILE B 121 12.38 27.95 11.54
N LEU B 122 11.20 28.24 12.12
CA LEU B 122 10.83 27.73 13.42
C LEU B 122 10.77 26.20 13.42
N ALA B 123 10.13 25.59 12.41
CA ALA B 123 10.02 24.13 12.26
C ALA B 123 11.39 23.40 12.20
N ASN B 124 12.45 24.13 11.90
CA ASN B 124 13.79 23.54 11.82
C ASN B 124 14.70 23.98 12.97
N THR B 125 14.32 25.01 13.75
CA THR B 125 15.14 25.46 14.87
C THR B 125 14.54 25.03 16.25
N CYS B 126 13.32 24.49 16.28
CA CYS B 126 12.67 24.07 17.52
C CYS B 126 13.27 22.73 18.03
N THR B 127 12.78 22.25 19.19
CA THR B 127 13.23 20.96 19.74
C THR B 127 12.87 19.84 18.77
N GLU B 128 13.52 18.68 18.92
CA GLU B 128 13.29 17.54 18.05
C GLU B 128 11.83 17.12 18.03
N ARG B 129 11.19 16.99 19.21
CA ARG B 129 9.77 16.62 19.27
C ARG B 129 8.85 17.62 18.50
N LEU B 130 9.19 18.90 18.58
CA LEU B 130 8.44 19.93 17.86
C LEU B 130 8.76 19.95 16.35
N LYS B 131 9.95 19.44 15.95
CA LYS B 131 10.29 19.30 14.52
C LYS B 131 9.33 18.27 13.91
N LEU B 132 9.01 17.18 14.65
CA LEU B 132 8.09 16.13 14.18
C LEU B 132 6.67 16.64 14.13
N PHE B 133 6.24 17.39 15.17
CA PHE B 133 4.92 17.98 15.21
C PHE B 133 4.78 18.98 14.06
N ALA B 134 5.82 19.81 13.84
CA ALA B 134 5.79 20.78 12.75
C ALA B 134 5.74 20.11 11.36
N ALA B 135 6.50 19.02 11.18
CA ALA B 135 6.52 18.29 9.91
C ALA B 135 5.16 17.67 9.58
N GLU B 136 4.49 17.03 10.58
CA GLU B 136 3.16 16.45 10.39
C GLU B 136 2.11 17.53 10.13
N THR B 137 2.17 18.66 10.87
CA THR B 137 1.19 19.74 10.80
C THR B 137 1.26 20.36 9.42
N LEU B 138 2.49 20.67 8.97
CA LEU B 138 2.78 21.24 7.67
C LEU B 138 2.28 20.28 6.56
N LYS B 139 2.65 18.98 6.61
CA LYS B 139 2.24 18.03 5.58
C LYS B 139 0.72 17.86 5.54
N ALA B 140 0.08 17.82 6.68
CA ALA B 140 -1.38 17.72 6.74
C ALA B 140 -1.99 18.99 6.19
N THR B 141 -1.42 20.18 6.48
CA THR B 141 -1.92 21.45 5.94
C THR B 141 -1.80 21.46 4.44
N GLU B 142 -0.67 20.99 3.91
CA GLU B 142 -0.42 20.92 2.46
C GLU B 142 -1.44 20.02 1.78
N GLU B 143 -1.75 18.82 2.34
CA GLU B 143 -2.71 17.87 1.77
C GLU B 143 -4.14 18.41 1.74
N THR B 144 -4.57 19.05 2.84
CA THR B 144 -5.90 19.68 3.03
C THR B 144 -6.07 20.84 2.07
N PHE B 145 -5.00 21.61 1.86
CA PHE B 145 -5.00 22.73 0.93
C PHE B 145 -5.26 22.27 -0.50
N LYS B 146 -4.81 21.07 -0.88
CA LYS B 146 -5.07 20.54 -2.21
C LYS B 146 -6.57 20.34 -2.49
N LEU B 147 -7.39 20.09 -1.43
CA LEU B 147 -8.85 19.94 -1.47
C LEU B 147 -9.57 21.27 -1.70
N SER B 148 -8.92 22.42 -1.40
CA SER B 148 -9.47 23.76 -1.63
C SER B 148 -9.62 24.08 -3.13
N TYR B 149 -8.87 23.38 -3.99
CA TYR B 149 -8.91 23.61 -5.42
C TYR B 149 -10.12 22.97 -6.09
N GLY B 150 -10.64 23.64 -7.10
CA GLY B 150 -11.77 23.14 -7.84
C GLY B 150 -11.42 21.98 -8.77
N ILE B 151 -12.42 21.13 -9.05
CA ILE B 151 -12.33 19.99 -9.97
C ILE B 151 -12.29 20.53 -11.40
N ALA B 152 -11.44 19.92 -12.26
CA ALA B 152 -11.32 20.23 -13.68
C ALA B 152 -12.02 19.11 -14.47
N THR B 153 -12.96 19.44 -15.34
CA THR B 153 -13.66 18.42 -16.13
C THR B 153 -13.41 18.63 -17.60
N VAL B 154 -13.17 17.53 -18.34
CA VAL B 154 -12.97 17.56 -19.79
C VAL B 154 -14.30 18.00 -20.43
N ARG B 155 -14.32 19.22 -20.98
CA ARG B 155 -15.49 19.79 -21.63
C ARG B 155 -15.54 19.37 -23.11
N GLU B 156 -14.37 19.35 -23.76
CA GLU B 156 -14.29 19.03 -25.18
C GLU B 156 -12.91 18.51 -25.44
N VAL B 157 -12.78 17.27 -25.93
CA VAL B 157 -11.44 16.73 -26.24
C VAL B 157 -10.98 17.30 -27.57
N LEU B 158 -10.42 18.53 -27.55
CA LEU B 158 -9.97 19.30 -28.71
C LEU B 158 -9.23 18.45 -29.75
N SER B 159 -8.23 17.73 -29.30
CA SER B 159 -7.42 16.82 -30.12
C SER B 159 -6.67 15.88 -29.13
N ASP B 160 -5.71 15.11 -29.63
CA ASP B 160 -4.89 14.28 -28.77
C ASP B 160 -3.84 15.24 -28.12
N ARG B 161 -3.45 14.96 -26.86
CA ARG B 161 -2.50 15.78 -26.09
C ARG B 161 -3.07 17.16 -25.69
N GLU B 162 -4.25 17.56 -26.21
CA GLU B 162 -4.86 18.84 -25.88
C GLU B 162 -6.36 18.74 -25.49
N LEU B 163 -6.77 19.52 -24.46
CA LEU B 163 -8.13 19.52 -23.90
C LEU B 163 -8.75 20.90 -23.67
N HIS B 164 -10.07 20.96 -23.58
CA HIS B 164 -10.78 22.16 -23.18
C HIS B 164 -11.33 21.83 -21.82
N LEU B 165 -10.86 22.48 -20.74
CA LEU B 165 -11.34 22.16 -19.41
C LEU B 165 -12.43 23.11 -18.90
N SER B 166 -13.31 22.56 -18.04
CA SER B 166 -14.41 23.25 -17.37
C SER B 166 -14.11 23.19 -15.86
N TRP B 167 -14.00 24.35 -15.20
CA TRP B 167 -13.60 24.40 -13.79
C TRP B 167 -14.74 24.57 -12.82
N GLU B 168 -14.56 24.04 -11.60
CA GLU B 168 -15.56 24.12 -10.54
C GLU B 168 -15.69 25.57 -10.07
N VAL B 169 -16.91 26.11 -10.07
CA VAL B 169 -17.18 27.48 -9.65
C VAL B 169 -17.07 27.60 -8.11
N GLY B 170 -16.63 28.75 -7.64
CA GLY B 170 -16.52 28.99 -6.19
C GLY B 170 -15.24 28.48 -5.55
N LYS B 171 -14.43 27.71 -6.29
CA LYS B 171 -13.17 27.20 -5.78
C LYS B 171 -12.05 27.65 -6.71
N PRO B 172 -10.90 28.09 -6.15
CA PRO B 172 -9.79 28.52 -7.01
C PRO B 172 -9.22 27.40 -7.89
N ARG B 173 -8.49 27.79 -8.94
CA ARG B 173 -7.88 26.82 -9.84
C ARG B 173 -6.39 26.68 -9.51
N PRO B 174 -5.91 25.45 -9.41
CA PRO B 174 -4.48 25.25 -9.11
C PRO B 174 -3.55 25.67 -10.25
N PRO B 175 -2.32 26.13 -9.95
CA PRO B 175 -1.37 26.50 -11.01
C PRO B 175 -1.15 25.34 -11.98
N LEU B 176 -1.04 25.63 -13.26
CA LEU B 176 -0.85 24.59 -14.25
C LEU B 176 0.61 24.38 -14.67
N ASN B 177 1.39 23.73 -13.77
CA ASN B 177 2.81 23.38 -13.96
C ASN B 177 3.12 21.92 -13.51
N ARG B 178 4.37 21.45 -13.75
CA ARG B 178 4.79 20.07 -13.44
C ARG B 178 4.65 19.69 -11.96
N ASN B 179 4.69 20.70 -11.06
CA ASN B 179 4.54 20.45 -9.62
C ASN B 179 3.16 19.95 -9.26
N TYR B 180 2.15 20.41 -9.97
CA TYR B 180 0.79 20.03 -9.69
C TYR B 180 0.37 18.77 -10.48
N VAL B 181 0.40 17.59 -9.81
CA VAL B 181 0.01 16.31 -10.43
C VAL B 181 -1.43 15.95 -10.04
N PHE B 182 -2.28 15.74 -11.05
CA PHE B 182 -3.71 15.41 -10.96
C PHE B 182 -3.95 13.93 -11.11
N THR B 183 -5.18 13.48 -10.85
CA THR B 183 -5.58 12.11 -11.09
C THR B 183 -6.84 12.18 -11.88
N GLY B 184 -6.86 11.46 -12.99
CA GLY B 184 -8.05 11.39 -13.82
C GLY B 184 -9.02 10.39 -13.26
N TYR B 185 -10.30 10.60 -13.52
CA TYR B 185 -11.37 9.71 -13.07
C TYR B 185 -12.47 9.64 -14.15
N ARG B 186 -13.03 8.43 -14.44
CA ARG B 186 -14.15 8.28 -15.39
C ARG B 186 -15.46 7.99 -14.62
N VAL B 187 -16.55 8.73 -14.92
CA VAL B 187 -17.81 8.59 -14.19
C VAL B 187 -18.46 7.23 -14.43
N THR B 188 -18.45 6.33 -13.42
CA THR B 188 -19.06 5.00 -13.60
C THR B 188 -20.59 5.03 -13.26
N LYS B 189 -21.28 3.87 -13.44
CA LYS B 189 -22.70 3.71 -13.18
C LYS B 189 -23.13 4.27 -11.82
N ASN B 190 -22.34 3.99 -10.77
CA ASN B 190 -22.67 4.45 -9.42
C ASN B 190 -21.47 5.07 -8.66
N SER B 191 -20.26 5.10 -9.26
CA SER B 191 -19.10 5.67 -8.60
C SER B 191 -18.11 6.32 -9.63
N LYS B 192 -16.79 6.20 -9.45
CA LYS B 192 -15.75 6.75 -10.33
C LYS B 192 -14.50 5.85 -10.33
N VAL B 193 -13.83 5.68 -11.49
CA VAL B 193 -12.64 4.83 -11.55
C VAL B 193 -11.37 5.62 -11.94
N GLN B 194 -10.25 5.44 -11.16
CA GLN B 194 -8.94 6.10 -11.38
C GLN B 194 -8.45 5.78 -12.79
N ILE B 195 -8.22 6.80 -13.61
CA ILE B 195 -7.80 6.62 -14.99
C ILE B 195 -6.30 7.06 -15.21
N GLY B 196 -5.52 7.17 -14.12
CA GLY B 196 -4.12 7.51 -14.18
C GLY B 196 -3.75 8.88 -13.63
N GLU B 197 -2.44 9.20 -13.54
CA GLU B 197 -1.99 10.52 -13.07
C GLU B 197 -1.73 11.45 -14.26
N TYR B 198 -1.94 12.77 -14.09
CA TYR B 198 -1.83 13.74 -15.17
C TYR B 198 -1.20 15.06 -14.77
N THR B 199 -0.50 15.71 -15.71
CA THR B 199 -0.01 17.08 -15.48
C THR B 199 -0.54 17.98 -16.62
N PHE B 200 -0.67 19.28 -16.35
CA PHE B 200 -1.23 20.20 -17.35
C PHE B 200 -0.38 21.44 -17.58
N GLU B 201 -0.56 22.06 -18.74
CA GLU B 201 0.12 23.30 -19.14
C GLU B 201 -0.79 24.09 -20.14
N LYS B 202 -0.78 25.43 -20.10
CA LYS B 202 -1.62 26.28 -20.99
C LYS B 202 -1.36 25.98 -22.48
N GLY B 203 -2.37 26.13 -23.33
CA GLY B 203 -2.21 25.87 -24.76
C GLY B 203 -2.30 27.11 -25.63
N ALA B 208 -8.30 26.10 -23.07
CA ALA B 208 -7.48 25.16 -23.85
C ALA B 208 -6.16 24.82 -23.14
N VAL B 209 -5.98 23.55 -22.77
CA VAL B 209 -4.80 23.04 -22.07
C VAL B 209 -4.11 21.91 -22.82
N VAL B 210 -2.84 21.64 -22.47
CA VAL B 210 -1.98 20.58 -23.02
C VAL B 210 -1.71 19.58 -21.88
N TYR B 211 -2.15 18.31 -22.05
CA TYR B 211 -1.97 17.32 -21.00
C TYR B 211 -0.78 16.42 -21.20
N ARG B 212 -0.17 16.00 -20.09
CA ARG B 212 0.96 15.06 -20.07
C ARG B 212 0.60 14.00 -19.04
N GLY B 213 0.08 12.87 -19.50
CA GLY B 213 -0.39 11.83 -18.60
C GLY B 213 0.54 10.65 -18.38
N THR B 214 0.47 10.10 -17.15
CA THR B 214 1.20 8.91 -16.67
C THR B 214 0.69 7.61 -17.30
N THR B 215 -0.18 7.69 -18.33
CA THR B 215 -0.76 6.57 -19.07
C THR B 215 -1.48 7.07 -20.33
N THR B 216 -1.63 6.19 -21.32
CA THR B 216 -2.34 6.52 -22.54
C THR B 216 -3.80 6.08 -22.46
N TYR B 217 -4.71 7.03 -22.53
CA TYR B 217 -6.14 6.75 -22.49
C TYR B 217 -6.85 7.63 -23.49
N LYS B 218 -7.90 7.10 -24.13
CA LYS B 218 -8.69 7.89 -25.07
C LYS B 218 -9.72 8.62 -24.21
N LEU B 219 -9.23 9.57 -23.38
CA LEU B 219 -10.08 10.33 -22.47
C LEU B 219 -11.18 11.05 -23.20
N ASN B 220 -12.38 10.83 -22.73
CA ASN B 220 -13.57 11.40 -23.33
C ASN B 220 -14.08 12.54 -22.46
N VAL B 221 -15.06 13.28 -22.97
CA VAL B 221 -15.71 14.37 -22.26
C VAL B 221 -16.33 13.84 -20.93
N GLY B 222 -16.28 14.65 -19.87
CA GLY B 222 -16.84 14.24 -18.59
C GLY B 222 -15.84 13.66 -17.62
N ASP B 223 -14.65 13.28 -18.12
CA ASP B 223 -13.59 12.78 -17.25
C ASP B 223 -13.10 13.96 -16.41
N TYR B 224 -12.83 13.72 -15.13
CA TYR B 224 -12.44 14.83 -14.26
C TYR B 224 -11.08 14.60 -13.57
N PHE B 225 -10.45 15.69 -13.12
CA PHE B 225 -9.13 15.65 -12.53
C PHE B 225 -9.09 16.33 -11.19
N VAL B 226 -8.46 15.72 -10.22
CA VAL B 226 -8.32 16.27 -8.87
C VAL B 226 -6.88 15.99 -8.39
N LEU B 227 -6.23 16.95 -7.73
CA LEU B 227 -4.89 16.74 -7.18
C LEU B 227 -4.97 15.65 -6.09
N THR B 228 -4.26 14.51 -6.24
CA THR B 228 -4.38 13.43 -5.24
C THR B 228 -3.76 13.81 -3.91
N SER B 229 -4.62 13.79 -2.90
CA SER B 229 -4.31 14.08 -1.52
C SER B 229 -4.23 12.75 -0.76
N HIS B 230 -3.20 12.61 0.06
CA HIS B 230 -3.02 11.39 0.81
C HIS B 230 -3.04 11.61 2.30
N THR B 231 -3.30 10.53 3.04
CA THR B 231 -3.35 10.59 4.50
C THR B 231 -1.95 10.70 5.07
N VAL B 232 -1.74 11.70 5.92
CA VAL B 232 -0.45 11.95 6.55
C VAL B 232 -0.40 11.12 7.84
N MET B 233 0.53 10.18 7.92
CA MET B 233 0.69 9.36 9.10
C MET B 233 1.49 10.09 10.18
N PRO B 234 1.27 9.75 11.46
CA PRO B 234 2.05 10.39 12.52
C PRO B 234 3.51 9.95 12.51
N LEU B 235 4.38 10.81 13.04
CA LEU B 235 5.81 10.59 13.09
C LEU B 235 6.20 10.13 14.50
N SER B 236 7.23 9.28 14.60
CA SER B 236 7.67 8.76 15.89
C SER B 236 9.19 8.92 16.07
N ALA B 237 9.97 8.67 15.01
CA ALA B 237 11.43 8.74 15.04
C ALA B 237 11.97 10.16 14.86
N PRO B 238 13.16 10.48 15.44
CA PRO B 238 13.74 11.81 15.19
C PRO B 238 14.13 12.01 13.71
N THR B 239 14.34 13.27 13.28
CA THR B 239 14.81 13.55 11.92
C THR B 239 16.26 13.03 11.72
N LEU B 240 17.06 13.09 12.81
CA LEU B 240 18.42 12.56 12.88
C LEU B 240 18.55 11.77 14.15
N VAL B 241 19.05 10.51 14.09
CA VAL B 241 19.35 9.73 15.30
C VAL B 241 20.49 10.45 16.05
N PRO B 242 20.76 10.16 17.34
CA PRO B 242 21.89 10.83 18.03
C PRO B 242 23.21 10.44 17.36
N GLN B 243 24.08 11.42 17.13
CA GLN B 243 25.38 11.17 16.52
C GLN B 243 26.29 10.38 17.46
N GLU B 244 27.07 9.46 16.91
CA GLU B 244 28.10 8.70 17.61
C GLU B 244 29.36 8.73 16.75
N HIS B 245 30.49 9.01 17.38
CA HIS B 245 31.77 8.97 16.70
C HIS B 245 32.54 7.78 17.24
N TYR B 246 33.20 7.07 16.35
CA TYR B 246 33.95 5.86 16.69
C TYR B 246 35.44 6.04 16.45
N VAL B 247 36.24 5.23 17.15
CA VAL B 247 37.71 5.19 17.06
C VAL B 247 38.17 4.25 15.90
N ARG B 248 37.33 3.30 15.51
CA ARG B 248 37.60 2.35 14.44
C ARG B 248 36.35 2.27 13.55
N ILE B 249 36.49 1.67 12.35
CA ILE B 249 35.34 1.39 11.46
C ILE B 249 34.50 0.35 12.19
N THR B 250 33.20 0.63 12.34
CA THR B 250 32.34 -0.21 13.15
C THR B 250 31.30 -0.96 12.35
N GLY B 251 31.25 -2.27 12.52
CA GLY B 251 30.24 -3.11 11.87
C GLY B 251 30.36 -3.30 10.37
N LEU B 252 31.45 -2.77 9.81
CA LEU B 252 31.71 -2.87 8.38
C LEU B 252 33.11 -3.43 8.17
N TYR B 253 33.27 -4.18 7.09
CA TYR B 253 34.54 -4.81 6.79
C TYR B 253 35.05 -4.38 5.39
N PRO B 254 36.05 -3.49 5.39
CA PRO B 254 36.57 -2.97 4.12
C PRO B 254 37.24 -4.00 3.22
N THR B 255 37.14 -3.72 1.93
CA THR B 255 37.68 -4.60 0.92
C THR B 255 39.19 -4.55 0.93
N LEU B 256 39.83 -5.63 0.42
CA LEU B 256 41.29 -5.61 0.34
C LEU B 256 41.75 -4.98 -0.97
N ASN B 257 40.96 -5.15 -2.05
CA ASN B 257 41.28 -4.62 -3.35
C ASN B 257 40.16 -3.78 -3.83
N ILE B 258 40.45 -2.56 -4.22
CA ILE B 258 39.42 -1.68 -4.78
C ILE B 258 39.87 -1.19 -6.15
N SER B 259 38.93 -0.86 -7.00
CA SER B 259 39.24 -0.35 -8.33
C SER B 259 39.75 1.12 -8.21
N ASP B 260 40.72 1.55 -9.04
CA ASP B 260 41.17 2.95 -9.04
C ASP B 260 40.02 3.94 -9.45
N GLU B 261 38.88 3.41 -9.91
CA GLU B 261 37.70 4.20 -10.17
C GLU B 261 37.10 4.70 -8.84
N PHE B 262 37.33 4.00 -7.69
CA PHE B 262 36.80 4.38 -6.38
C PHE B 262 37.83 4.78 -5.35
N SER B 263 39.13 4.73 -5.70
CA SER B 263 40.23 5.08 -4.79
C SER B 263 40.09 6.49 -4.20
N SER B 264 39.59 7.44 -4.98
CA SER B 264 39.42 8.80 -4.49
C SER B 264 38.45 8.91 -3.31
N ASN B 265 37.55 7.94 -3.14
CA ASN B 265 36.59 8.00 -2.03
C ASN B 265 36.96 7.11 -0.85
N VAL B 266 38.10 6.40 -0.87
CA VAL B 266 38.48 5.51 0.22
C VAL B 266 38.49 6.20 1.62
N ALA B 267 39.14 7.37 1.76
CA ALA B 267 39.16 8.07 3.06
C ALA B 267 37.73 8.43 3.49
N ASN B 268 36.89 8.90 2.55
CA ASN B 268 35.49 9.22 2.82
C ASN B 268 34.70 7.95 3.25
N TYR B 269 34.94 6.78 2.63
CA TYR B 269 34.28 5.52 2.97
C TYR B 269 34.68 5.09 4.37
N GLN B 270 35.95 5.32 4.75
CA GLN B 270 36.41 5.03 6.11
C GLN B 270 35.72 5.97 7.11
N LYS B 271 35.56 7.25 6.74
CA LYS B 271 34.86 8.22 7.58
C LYS B 271 33.40 7.76 7.82
N VAL B 272 32.76 7.21 6.77
CA VAL B 272 31.41 6.66 6.85
C VAL B 272 31.33 5.56 7.96
N GLY B 273 32.29 4.66 8.00
CA GLY B 273 32.27 3.59 9.00
C GLY B 273 32.65 4.01 10.41
N MET B 274 33.19 5.21 10.57
CA MET B 274 33.67 5.70 11.87
C MET B 274 32.74 6.72 12.58
N GLN B 275 31.52 6.85 12.10
CA GLN B 275 30.50 7.65 12.76
C GLN B 275 29.10 7.10 12.43
N LYS B 276 28.12 7.33 13.31
CA LYS B 276 26.78 6.80 13.16
C LYS B 276 26.17 7.36 11.86
N TYR B 277 26.27 8.67 11.66
CA TYR B 277 25.76 9.27 10.44
C TYR B 277 26.76 10.22 9.88
N SER B 278 26.73 10.38 8.56
CA SER B 278 27.66 11.27 7.89
C SER B 278 26.97 11.99 6.78
N THR B 279 27.42 13.19 6.49
CA THR B 279 26.85 14.00 5.44
C THR B 279 27.89 14.20 4.31
N LEU B 280 27.43 14.08 3.08
CA LEU B 280 28.27 14.26 1.92
C LEU B 280 27.67 15.37 1.03
N GLN B 281 28.39 16.49 0.89
CA GLN B 281 28.00 17.52 -0.02
C GLN B 281 28.74 17.27 -1.37
N GLY B 282 27.94 16.96 -2.37
CA GLY B 282 28.43 16.73 -3.71
C GLY B 282 27.87 17.74 -4.69
N PRO B 283 28.67 18.75 -5.02
CA PRO B 283 28.22 19.74 -6.03
C PRO B 283 27.91 19.06 -7.39
N PRO B 284 27.34 19.80 -8.33
CA PRO B 284 27.01 19.20 -9.64
C PRO B 284 28.17 18.52 -10.33
N GLY B 285 27.94 17.30 -10.80
CA GLY B 285 28.93 16.56 -11.59
C GLY B 285 30.20 16.20 -10.85
N THR B 286 30.12 16.03 -9.52
CA THR B 286 31.27 15.65 -8.71
C THR B 286 31.30 14.14 -8.39
N GLY B 287 30.23 13.39 -8.73
CA GLY B 287 30.20 11.92 -8.54
C GLY B 287 29.46 11.36 -7.33
N LYS B 288 28.30 11.94 -7.04
CA LYS B 288 27.47 11.47 -5.92
C LYS B 288 26.99 9.99 -6.04
N SER B 289 26.35 9.60 -7.18
CA SER B 289 25.90 8.19 -7.31
C SER B 289 27.11 7.25 -7.42
N HIS B 290 28.21 7.72 -8.03
CA HIS B 290 29.45 6.95 -8.10
C HIS B 290 29.96 6.70 -6.65
N PHE B 291 29.88 7.71 -5.79
CA PHE B 291 30.27 7.58 -4.38
C PHE B 291 29.38 6.56 -3.71
N ALA B 292 28.05 6.72 -3.88
CA ALA B 292 27.04 5.86 -3.28
C ALA B 292 27.25 4.40 -3.63
N ILE B 293 27.46 4.07 -4.93
CA ILE B 293 27.66 2.69 -5.34
C ILE B 293 29.01 2.13 -4.91
N GLY B 294 30.06 2.96 -4.97
CA GLY B 294 31.41 2.55 -4.54
C GLY B 294 31.50 2.18 -3.07
N LEU B 295 30.55 2.68 -2.26
CA LEU B 295 30.48 2.36 -0.84
C LEU B 295 30.18 0.85 -0.67
N ALA B 296 29.33 0.29 -1.59
CA ALA B 296 29.00 -1.14 -1.63
C ALA B 296 30.24 -1.97 -1.98
N LEU B 297 31.05 -1.47 -2.91
CA LEU B 297 32.27 -2.14 -3.31
C LEU B 297 33.37 -2.07 -2.22
N TYR B 298 33.37 -0.98 -1.46
CA TYR B 298 34.34 -0.81 -0.39
C TYR B 298 34.02 -1.68 0.80
N TYR B 299 32.74 -1.89 1.12
CA TYR B 299 32.30 -2.75 2.23
C TYR B 299 31.47 -3.88 1.55
N PRO B 300 32.18 -4.85 0.91
CA PRO B 300 31.49 -5.82 0.05
C PRO B 300 30.43 -6.73 0.68
N SER B 301 30.51 -6.97 1.98
CA SER B 301 29.51 -7.82 2.65
C SER B 301 28.34 -7.02 3.30
N ALA B 302 28.47 -5.67 3.35
CA ALA B 302 27.46 -4.81 3.96
C ALA B 302 26.13 -4.82 3.21
N ARG B 303 25.03 -4.85 3.96
CA ARG B 303 23.69 -4.75 3.42
C ARG B 303 23.36 -3.24 3.35
N ILE B 304 23.10 -2.73 2.13
CA ILE B 304 22.85 -1.32 1.95
C ILE B 304 21.51 -1.04 1.38
N VAL B 305 20.77 -0.14 2.05
CA VAL B 305 19.49 0.32 1.56
C VAL B 305 19.73 1.70 0.96
N TYR B 306 19.45 1.86 -0.34
CA TYR B 306 19.57 3.12 -1.05
C TYR B 306 18.17 3.72 -1.16
N THR B 307 18.01 4.92 -0.60
CA THR B 307 16.73 5.60 -0.63
C THR B 307 16.87 7.05 -1.07
N ALA B 308 15.77 7.63 -1.56
CA ALA B 308 15.62 9.04 -1.96
C ALA B 308 14.11 9.33 -2.04
N CYS B 309 13.71 10.59 -2.09
CA CYS B 309 12.28 10.94 -2.11
C CYS B 309 11.59 10.54 -3.40
N SER B 310 12.26 10.80 -4.53
CA SER B 310 11.66 10.54 -5.83
C SER B 310 12.05 9.20 -6.45
N HIS B 311 11.19 8.68 -7.32
CA HIS B 311 11.47 7.47 -8.07
C HIS B 311 12.63 7.72 -9.00
N ALA B 312 12.75 8.92 -9.60
CA ALA B 312 13.85 9.26 -10.50
C ALA B 312 15.23 9.20 -9.78
N ALA B 313 15.32 9.75 -8.55
CA ALA B 313 16.59 9.69 -7.82
C ALA B 313 16.91 8.24 -7.47
N VAL B 314 15.90 7.46 -7.06
CA VAL B 314 16.13 6.03 -6.76
C VAL B 314 16.59 5.24 -8.03
N ASP B 315 15.95 5.52 -9.19
CA ASP B 315 16.27 4.90 -10.46
C ASP B 315 17.68 5.25 -10.90
N ALA B 316 18.14 6.50 -10.66
CA ALA B 316 19.49 6.89 -11.04
C ALA B 316 20.51 6.09 -10.21
N LEU B 317 20.20 5.79 -8.92
CA LEU B 317 21.05 4.95 -8.09
C LEU B 317 21.04 3.48 -8.65
N CYS B 318 19.88 2.98 -9.08
CA CYS B 318 19.74 1.66 -9.70
C CYS B 318 20.61 1.56 -10.98
N GLU B 319 20.60 2.61 -11.83
CA GLU B 319 21.37 2.63 -13.07
C GLU B 319 22.87 2.49 -12.79
N LYS B 320 23.38 3.22 -11.80
CA LYS B 320 24.78 3.14 -11.38
C LYS B 320 25.07 1.77 -10.78
N ALA B 321 24.16 1.21 -9.96
CA ALA B 321 24.37 -0.13 -9.37
C ALA B 321 24.38 -1.21 -10.43
N LEU B 322 23.54 -1.08 -11.45
CA LEU B 322 23.46 -2.04 -12.55
C LEU B 322 24.84 -2.23 -13.24
N LYS B 323 25.64 -1.17 -13.28
CA LYS B 323 26.99 -1.11 -13.85
C LYS B 323 28.10 -1.69 -12.93
N TYR B 324 27.94 -1.64 -11.59
CA TYR B 324 29.02 -2.05 -10.68
C TYR B 324 28.73 -3.19 -9.71
N LEU B 325 27.47 -3.43 -9.41
CA LEU B 325 27.07 -4.42 -8.42
C LEU B 325 26.42 -5.62 -9.08
N PRO B 326 26.53 -6.81 -8.46
CA PRO B 326 25.87 -7.99 -9.05
C PRO B 326 24.34 -7.81 -9.04
N ILE B 327 23.71 -7.90 -10.21
CA ILE B 327 22.26 -7.71 -10.37
C ILE B 327 21.42 -8.64 -9.46
N ASP B 328 21.92 -9.87 -9.20
CA ASP B 328 21.20 -10.83 -8.35
C ASP B 328 21.21 -10.45 -6.87
N LYS B 329 22.07 -9.51 -6.46
CA LYS B 329 22.15 -9.02 -5.10
C LYS B 329 21.34 -7.74 -4.87
N CYS B 330 20.59 -7.25 -5.90
CA CYS B 330 19.77 -6.04 -5.94
C CYS B 330 18.26 -6.27 -6.03
N SER B 331 17.51 -5.38 -5.37
CA SER B 331 16.07 -5.38 -5.47
C SER B 331 15.51 -3.96 -5.49
N ARG B 332 14.58 -3.70 -6.41
CA ARG B 332 13.91 -2.41 -6.49
C ARG B 332 12.54 -2.57 -5.82
N ILE B 333 12.30 -1.87 -4.69
CA ILE B 333 11.02 -1.94 -3.98
C ILE B 333 10.05 -0.97 -4.64
N ILE B 334 8.90 -1.47 -5.09
CA ILE B 334 7.86 -0.71 -5.77
C ILE B 334 6.56 -0.84 -5.02
N PRO B 335 5.98 0.30 -4.59
CA PRO B 335 4.67 0.21 -3.90
C PRO B 335 3.59 -0.20 -4.89
N ALA B 336 2.66 -1.08 -4.49
CA ALA B 336 1.57 -1.51 -5.40
C ALA B 336 0.66 -0.33 -5.76
N VAL B 340 3.21 4.43 -11.39
CA VAL B 340 4.50 5.03 -11.79
C VAL B 340 5.45 4.04 -12.51
N GLU B 341 6.08 4.48 -13.61
CA GLU B 341 7.03 3.63 -14.30
C GLU B 341 8.45 3.90 -13.79
N CYS B 342 9.05 2.88 -13.18
CA CYS B 342 10.40 3.00 -12.66
C CYS B 342 11.28 1.78 -13.06
N PHE B 343 12.54 1.78 -12.63
CA PHE B 343 13.56 0.77 -12.87
C PHE B 343 13.05 -0.68 -12.86
N ASP B 344 13.16 -1.42 -13.99
CA ASP B 344 12.64 -2.79 -14.00
C ASP B 344 13.67 -3.83 -14.34
N LYS B 345 14.93 -3.60 -13.94
CA LYS B 345 15.99 -4.58 -14.23
C LYS B 345 16.39 -5.43 -13.00
N PHE B 346 15.93 -5.05 -11.80
CA PHE B 346 16.23 -5.80 -10.58
C PHE B 346 15.01 -6.62 -10.18
N LYS B 347 15.18 -7.65 -9.32
CA LYS B 347 14.01 -8.39 -8.80
C LYS B 347 13.14 -7.43 -7.97
N VAL B 348 11.82 -7.43 -8.22
CA VAL B 348 10.94 -6.48 -7.55
C VAL B 348 10.43 -6.98 -6.20
N ASN B 349 10.51 -6.09 -5.19
CA ASN B 349 9.98 -6.26 -3.83
C ASN B 349 10.61 -7.41 -3.02
N SER B 350 11.91 -7.60 -3.15
CA SER B 350 12.62 -8.61 -2.37
C SER B 350 13.41 -7.86 -1.30
N THR B 351 12.72 -7.55 -0.19
CA THR B 351 13.19 -6.81 0.98
C THR B 351 14.52 -7.35 1.56
N LEU B 352 14.79 -8.66 1.44
CA LEU B 352 15.99 -9.24 2.04
C LEU B 352 17.24 -9.32 1.13
N GLU B 353 17.19 -8.69 -0.05
CA GLU B 353 18.34 -8.64 -0.93
C GLU B 353 19.44 -7.78 -0.28
N GLN B 354 20.72 -8.03 -0.61
CA GLN B 354 21.81 -7.24 -0.04
C GLN B 354 21.71 -5.75 -0.35
N TYR B 355 21.23 -5.42 -1.56
CA TYR B 355 21.08 -4.03 -2.00
C TYR B 355 19.65 -3.77 -2.31
N VAL B 356 19.04 -2.85 -1.57
CA VAL B 356 17.64 -2.51 -1.69
C VAL B 356 17.47 -1.06 -2.12
N PHE B 357 16.76 -0.82 -3.20
CA PHE B 357 16.58 0.52 -3.75
C PHE B 357 15.11 0.82 -3.63
N CYS B 358 14.77 1.87 -2.90
CA CYS B 358 13.39 2.16 -2.60
C CYS B 358 13.16 3.63 -2.25
N THR B 359 12.03 4.23 -2.68
CA THR B 359 11.72 5.60 -2.32
C THR B 359 11.36 5.63 -0.81
N VAL B 360 11.54 6.78 -0.14
CA VAL B 360 11.22 6.91 1.29
C VAL B 360 9.79 6.43 1.65
N ASN B 361 8.74 6.87 0.91
CA ASN B 361 7.35 6.52 1.26
C ASN B 361 7.00 5.06 1.10
N ALA B 362 7.86 4.26 0.41
CA ALA B 362 7.66 2.84 0.18
C ALA B 362 8.56 1.94 1.05
N LEU B 363 9.42 2.53 1.89
CA LEU B 363 10.38 1.76 2.68
C LEU B 363 9.71 0.71 3.55
N PRO B 364 10.23 -0.52 3.53
CA PRO B 364 9.74 -1.53 4.49
C PRO B 364 10.41 -1.32 5.86
N GLU B 365 9.93 -2.04 6.88
CA GLU B 365 10.51 -1.98 8.21
C GLU B 365 11.62 -2.98 8.18
N THR B 366 12.86 -2.52 8.14
CA THR B 366 14.02 -3.40 8.05
C THR B 366 15.28 -2.79 8.71
N THR B 367 16.36 -3.54 8.74
CA THR B 367 17.65 -3.13 9.23
C THR B 367 18.67 -3.13 8.07
N ALA B 368 19.80 -2.44 8.24
CA ALA B 368 20.85 -2.38 7.22
C ALA B 368 22.17 -2.05 7.88
N ASP B 369 23.28 -2.42 7.24
CA ASP B 369 24.59 -2.04 7.74
C ASP B 369 24.79 -0.54 7.39
N ILE B 370 24.34 -0.12 6.19
CA ILE B 370 24.40 1.27 5.76
C ILE B 370 23.07 1.65 5.08
N VAL B 371 22.57 2.83 5.41
CA VAL B 371 21.45 3.43 4.72
C VAL B 371 22.03 4.61 3.96
N VAL B 372 21.83 4.69 2.63
CA VAL B 372 22.31 5.81 1.84
C VAL B 372 21.05 6.61 1.46
N PHE B 373 20.94 7.85 1.91
CA PHE B 373 19.78 8.70 1.61
C PHE B 373 20.29 9.77 0.66
N ASP B 374 19.92 9.67 -0.63
CA ASP B 374 20.38 10.56 -1.68
C ASP B 374 19.44 11.73 -1.96
N GLU B 375 19.94 12.74 -2.69
CA GLU B 375 19.27 13.98 -3.05
C GLU B 375 18.67 14.65 -1.81
N ILE B 376 19.51 14.79 -0.77
CA ILE B 376 19.09 15.28 0.54
C ILE B 376 18.52 16.70 0.54
N SER B 377 18.91 17.59 -0.42
CA SER B 377 18.29 18.92 -0.46
C SER B 377 16.77 18.82 -0.68
N MET B 378 16.29 17.74 -1.36
CA MET B 378 14.88 17.53 -1.69
C MET B 378 14.06 16.90 -0.54
N ALA B 379 14.71 16.41 0.49
CA ALA B 379 13.99 15.80 1.61
C ALA B 379 13.42 16.89 2.52
N THR B 380 12.35 16.52 3.20
CA THR B 380 11.71 17.34 4.25
C THR B 380 12.03 16.61 5.59
N ASN B 381 11.74 17.25 6.73
CA ASN B 381 11.91 16.59 8.02
C ASN B 381 11.00 15.40 8.15
N TYR B 382 9.83 15.44 7.47
CA TYR B 382 8.89 14.33 7.44
C TYR B 382 9.58 13.09 6.85
N ASP B 383 10.24 13.25 5.70
CA ASP B 383 11.02 12.17 5.07
C ASP B 383 12.14 11.66 5.97
N LEU B 384 12.92 12.60 6.58
CA LEU B 384 14.02 12.27 7.49
C LEU B 384 13.53 11.37 8.63
N SER B 385 12.37 11.73 9.22
CA SER B 385 11.76 10.97 10.31
C SER B 385 11.28 9.58 9.84
N VAL B 386 10.60 9.52 8.68
CA VAL B 386 10.12 8.25 8.11
C VAL B 386 11.27 7.26 7.94
N VAL B 387 12.42 7.75 7.37
CA VAL B 387 13.57 6.89 7.18
C VAL B 387 14.06 6.31 8.52
N ASN B 388 14.20 7.16 9.54
CA ASN B 388 14.65 6.69 10.85
C ASN B 388 13.69 5.70 11.50
N ALA B 389 12.37 5.84 11.20
CA ALA B 389 11.32 4.95 11.72
C ALA B 389 11.29 3.61 11.01
N ARG B 390 11.44 3.59 9.68
CA ARG B 390 11.40 2.36 8.91
C ARG B 390 12.73 1.59 8.94
N LEU B 391 13.89 2.28 8.97
CA LEU B 391 15.23 1.67 8.87
C LEU B 391 16.12 1.80 10.12
N ARG B 392 16.50 0.67 10.73
CA ARG B 392 17.46 0.68 11.84
C ARG B 392 18.84 0.27 11.26
N ALA B 393 19.77 1.23 11.14
CA ALA B 393 21.05 0.99 10.49
C ALA B 393 22.27 1.25 11.37
N LYS B 394 23.40 0.55 11.09
CA LYS B 394 24.64 0.84 11.81
C LYS B 394 25.14 2.22 11.34
N HIS B 395 24.93 2.58 10.05
CA HIS B 395 25.40 3.85 9.52
C HIS B 395 24.41 4.46 8.60
N TYR B 396 24.31 5.78 8.65
CA TYR B 396 23.41 6.53 7.80
C TYR B 396 24.26 7.51 7.04
N VAL B 397 24.19 7.47 5.71
CA VAL B 397 24.94 8.40 4.89
C VAL B 397 23.96 9.29 4.13
N TYR B 398 24.04 10.61 4.32
CA TYR B 398 23.15 11.55 3.67
C TYR B 398 23.91 12.22 2.54
N ILE B 399 23.46 12.05 1.32
CA ILE B 399 24.12 12.63 0.16
C ILE B 399 23.24 13.65 -0.56
N GLY B 400 23.82 14.78 -0.88
CA GLY B 400 23.12 15.81 -1.63
C GLY B 400 23.95 17.07 -1.70
N ASP B 401 23.27 18.19 -1.81
CA ASP B 401 23.90 19.48 -1.93
C ASP B 401 22.95 20.56 -1.46
N PRO B 402 23.23 21.23 -0.30
CA PRO B 402 22.35 22.32 0.17
C PRO B 402 22.38 23.54 -0.73
N ALA B 403 23.28 23.58 -1.72
CA ALA B 403 23.37 24.64 -2.74
C ALA B 403 22.46 24.32 -3.94
N GLN B 404 21.76 23.16 -3.94
CA GLN B 404 20.81 22.85 -5.00
C GLN B 404 19.35 23.06 -4.49
N LEU B 405 18.35 22.72 -5.29
CA LEU B 405 16.97 23.00 -4.97
C LEU B 405 16.36 22.10 -3.86
N PRO B 406 15.55 22.73 -3.01
CA PRO B 406 14.82 21.96 -2.01
C PRO B 406 13.48 21.44 -2.57
N ALA B 407 12.72 20.68 -1.76
CA ALA B 407 11.38 20.24 -2.13
C ALA B 407 10.50 21.48 -2.22
N PRO B 408 9.61 21.56 -3.21
CA PRO B 408 8.74 22.74 -3.32
C PRO B 408 7.88 22.87 -2.07
N ARG B 409 7.77 24.08 -1.53
CA ARG B 409 6.91 24.33 -0.39
C ARG B 409 5.70 25.03 -0.98
N THR B 410 4.71 24.25 -1.43
CA THR B 410 3.54 24.79 -2.13
C THR B 410 2.85 25.92 -1.38
N LEU B 411 2.82 25.85 -0.03
CA LEU B 411 2.14 26.85 0.77
C LEU B 411 2.93 28.13 0.96
N LEU B 412 4.27 28.05 0.96
CA LEU B 412 5.16 29.19 1.18
C LEU B 412 5.12 30.17 0.02
N THR B 413 4.68 31.38 0.31
CA THR B 413 4.57 32.46 -0.67
C THR B 413 5.29 33.75 -0.20
N LYS B 414 5.60 33.85 1.10
CA LYS B 414 6.22 35.04 1.65
C LYS B 414 7.57 34.72 2.29
N GLY B 415 8.61 35.30 1.74
CA GLY B 415 9.95 35.09 2.25
C GLY B 415 10.68 34.01 1.49
N THR B 416 11.99 33.96 1.65
CA THR B 416 12.80 32.97 0.98
C THR B 416 13.31 31.98 2.02
N LEU B 417 13.28 30.69 1.68
CA LEU B 417 13.75 29.64 2.58
C LEU B 417 15.23 29.36 2.34
N GLU B 418 16.09 29.72 3.29
CA GLU B 418 17.52 29.49 3.17
C GLU B 418 17.88 28.00 3.31
N PRO B 419 19.01 27.55 2.65
CA PRO B 419 19.40 26.13 2.72
C PRO B 419 19.50 25.52 4.11
N GLU B 420 19.95 26.31 5.12
CA GLU B 420 20.04 25.83 6.50
C GLU B 420 18.66 25.45 7.10
N TYR B 421 17.58 25.78 6.41
CA TYR B 421 16.23 25.47 6.87
C TYR B 421 15.52 24.45 5.99
N PHE B 422 16.24 23.81 4.99
CA PHE B 422 15.58 22.85 4.10
C PHE B 422 15.13 21.63 4.91
N ASN B 423 15.98 21.17 5.80
CA ASN B 423 15.75 20.02 6.68
C ASN B 423 16.94 19.94 7.67
N SER B 424 16.90 19.01 8.64
CA SER B 424 17.90 18.86 9.68
C SER B 424 19.30 18.55 9.10
N VAL B 425 19.38 17.77 8.01
CA VAL B 425 20.65 17.42 7.39
C VAL B 425 21.27 18.65 6.77
N CYS B 426 20.49 19.41 5.99
CA CYS B 426 20.97 20.64 5.37
C CYS B 426 21.32 21.66 6.41
N ARG B 427 20.54 21.76 7.50
CA ARG B 427 20.88 22.64 8.61
C ARG B 427 22.30 22.28 9.15
N LEU B 428 22.59 21.00 9.36
CA LEU B 428 23.92 20.58 9.80
C LEU B 428 25.01 20.94 8.77
N MET B 429 24.78 20.67 7.46
CA MET B 429 25.76 20.98 6.42
C MET B 429 26.05 22.48 6.33
N LYS B 430 25.07 23.33 6.64
CA LYS B 430 25.27 24.78 6.57
C LYS B 430 25.82 25.43 7.86
N THR B 431 25.68 24.74 8.99
CA THR B 431 26.12 25.29 10.27
C THR B 431 27.50 24.70 10.71
N ILE B 432 27.60 23.39 10.87
CA ILE B 432 28.89 22.77 11.22
C ILE B 432 29.69 22.29 9.98
N GLY B 433 29.09 22.37 8.77
CA GLY B 433 29.73 21.89 7.55
C GLY B 433 29.47 20.41 7.28
N PRO B 434 29.57 19.99 6.01
CA PRO B 434 29.37 18.56 5.71
C PRO B 434 30.56 17.74 6.18
N ASP B 435 30.34 16.47 6.46
CA ASP B 435 31.43 15.58 6.87
C ASP B 435 32.39 15.35 5.68
N MET B 436 31.83 15.24 4.47
CA MET B 436 32.58 14.96 3.27
C MET B 436 32.14 15.87 2.17
N PHE B 437 33.09 16.25 1.31
CA PHE B 437 32.82 17.14 0.20
C PHE B 437 33.51 16.60 -1.07
N LEU B 438 32.73 16.44 -2.18
CA LEU B 438 33.32 16.02 -3.47
C LEU B 438 33.75 17.32 -4.16
N GLY B 439 35.05 17.61 -4.10
CA GLY B 439 35.58 18.90 -4.52
C GLY B 439 35.90 19.14 -5.97
N THR B 440 35.72 18.14 -6.84
CA THR B 440 36.08 18.35 -8.24
C THR B 440 34.92 18.09 -9.20
N CYS B 441 34.50 19.17 -9.84
CA CYS B 441 33.43 19.10 -10.81
C CYS B 441 34.03 18.58 -12.09
N ARG B 442 33.51 17.47 -12.58
CA ARG B 442 33.98 16.87 -13.83
C ARG B 442 33.10 17.21 -15.03
N ARG B 443 31.94 17.85 -14.81
CA ARG B 443 31.02 18.09 -15.89
C ARG B 443 31.24 19.39 -16.64
N CYS B 444 31.41 20.47 -15.89
CA CYS B 444 31.27 21.82 -16.41
C CYS B 444 32.56 22.47 -16.89
N PRO B 445 32.44 23.31 -17.96
CA PRO B 445 33.59 24.15 -18.38
C PRO B 445 34.04 25.02 -17.19
N ALA B 446 35.33 25.33 -17.10
CA ALA B 446 35.84 26.10 -15.95
C ALA B 446 35.09 27.42 -15.68
N GLU B 447 34.58 28.15 -16.71
CA GLU B 447 33.81 29.39 -16.48
C GLU B 447 32.63 29.15 -15.52
N ILE B 448 31.90 28.04 -15.72
CA ILE B 448 30.75 27.68 -14.91
C ILE B 448 31.22 27.26 -13.52
N VAL B 449 32.26 26.40 -13.44
CA VAL B 449 32.75 25.96 -12.14
C VAL B 449 33.23 27.14 -11.29
N ASP B 450 34.01 28.05 -11.87
CA ASP B 450 34.55 29.19 -11.14
C ASP B 450 33.42 30.09 -10.64
N THR B 451 32.36 30.27 -11.46
CA THR B 451 31.19 31.07 -11.06
C THR B 451 30.47 30.49 -9.84
N VAL B 452 30.03 29.21 -9.89
CA VAL B 452 29.28 28.60 -8.81
C VAL B 452 30.20 28.34 -7.58
N SER B 453 31.49 28.03 -7.79
CA SER B 453 32.44 27.86 -6.68
C SER B 453 32.44 29.13 -5.79
N ALA B 454 32.51 30.33 -6.40
CA ALA B 454 32.46 31.59 -5.67
C ALA B 454 31.06 31.88 -5.16
N LEU B 455 30.04 31.59 -5.96
CA LEU B 455 28.65 31.89 -5.61
C LEU B 455 28.11 31.14 -4.39
N VAL B 456 28.24 29.80 -4.37
CA VAL B 456 27.64 29.00 -3.31
C VAL B 456 28.60 28.02 -2.62
N TYR B 457 29.83 27.79 -3.12
CA TYR B 457 30.71 26.78 -2.51
C TYR B 457 31.93 27.32 -1.76
N ASP B 458 31.94 28.62 -1.40
CA ASP B 458 33.07 29.24 -0.66
C ASP B 458 34.43 29.00 -1.34
N ASN B 459 34.44 29.00 -2.68
CA ASN B 459 35.62 28.80 -3.52
C ASN B 459 36.29 27.46 -3.32
N LYS B 460 35.53 26.43 -2.90
CA LYS B 460 36.09 25.11 -2.69
C LYS B 460 35.86 24.14 -3.84
N LEU B 461 35.00 24.49 -4.80
CA LEU B 461 34.74 23.62 -5.94
C LEU B 461 35.81 23.90 -6.99
N LYS B 462 36.50 22.84 -7.41
CA LYS B 462 37.57 22.90 -8.40
C LYS B 462 37.10 22.39 -9.78
N ALA B 463 37.62 23.02 -10.85
CA ALA B 463 37.27 22.63 -12.21
C ALA B 463 38.21 21.56 -12.66
N HIS B 464 37.70 20.55 -13.35
CA HIS B 464 38.53 19.53 -13.97
C HIS B 464 38.75 19.94 -15.45
N LYS B 465 37.69 20.32 -16.14
CA LYS B 465 37.76 20.77 -17.52
C LYS B 465 38.36 22.15 -17.60
N ASP B 466 38.95 22.45 -18.76
CA ASP B 466 39.45 23.78 -19.03
C ASP B 466 38.24 24.71 -19.31
N LYS B 467 38.49 26.02 -19.50
CA LYS B 467 37.46 26.95 -19.94
C LYS B 467 37.08 26.53 -21.37
N SER B 468 35.80 26.40 -21.65
CA SER B 468 35.37 25.98 -22.99
C SER B 468 35.41 27.13 -24.00
N ALA B 469 35.43 28.41 -23.53
CA ALA B 469 35.29 29.61 -24.37
C ALA B 469 33.90 29.63 -25.08
N GLN B 470 32.94 28.83 -24.59
CA GLN B 470 31.59 28.74 -25.11
C GLN B 470 30.55 29.10 -24.02
N CYS B 471 30.93 29.92 -23.04
CA CYS B 471 30.05 30.37 -21.96
C CYS B 471 29.84 31.86 -22.12
N PHE B 472 28.63 32.24 -22.45
CA PHE B 472 28.26 33.62 -22.80
C PHE B 472 27.14 34.17 -21.93
N LYS B 473 27.15 35.48 -21.74
CA LYS B 473 26.13 36.17 -20.98
C LYS B 473 25.72 37.45 -21.69
N MET B 474 24.44 37.77 -21.61
N MET B 474 24.43 37.76 -21.63
CA MET B 474 23.91 39.00 -22.15
CA MET B 474 23.84 38.96 -22.24
C MET B 474 23.00 39.59 -21.12
C MET B 474 22.94 39.59 -21.18
N PHE B 475 23.06 40.89 -20.97
CA PHE B 475 22.21 41.58 -20.03
C PHE B 475 21.07 42.18 -20.85
N TYR B 476 19.86 41.62 -20.72
CA TYR B 476 18.70 42.08 -21.50
C TYR B 476 17.39 41.90 -20.72
N LYS B 477 16.84 42.99 -20.19
CA LYS B 477 15.62 42.93 -19.39
C LYS B 477 14.37 42.57 -20.19
N GLY B 478 14.31 42.96 -21.45
CA GLY B 478 13.18 42.61 -22.31
C GLY B 478 11.86 43.16 -21.82
N VAL B 479 10.79 42.36 -21.93
CA VAL B 479 9.43 42.71 -21.53
C VAL B 479 8.84 41.52 -20.83
N ILE B 480 8.35 41.74 -19.61
CA ILE B 480 7.75 40.68 -18.84
C ILE B 480 6.24 40.70 -18.89
N THR B 481 5.68 39.62 -19.39
CA THR B 481 4.26 39.41 -19.41
C THR B 481 3.99 38.28 -18.38
N HIS B 482 2.83 38.39 -17.73
CA HIS B 482 2.35 37.50 -16.70
C HIS B 482 1.04 36.92 -17.14
N ASP B 483 0.91 35.63 -16.96
CA ASP B 483 -0.36 34.98 -17.15
C ASP B 483 -0.87 34.57 -15.74
N VAL B 484 -1.75 33.58 -15.66
CA VAL B 484 -2.36 33.17 -14.40
C VAL B 484 -1.34 32.90 -13.26
N SER B 485 -0.33 32.04 -13.50
CA SER B 485 0.63 31.69 -12.44
C SER B 485 2.09 31.58 -12.94
N SER B 486 2.45 32.35 -14.00
CA SER B 486 3.78 32.24 -14.55
C SER B 486 4.24 33.55 -15.26
N ALA B 487 5.52 33.62 -15.69
CA ALA B 487 6.06 34.78 -16.42
C ALA B 487 6.61 34.36 -17.80
N ILE B 488 6.55 35.30 -18.70
CA ILE B 488 7.04 35.12 -20.07
C ILE B 488 7.83 36.39 -20.41
N ASN B 489 8.91 36.23 -21.18
CA ASN B 489 9.73 37.32 -21.66
C ASN B 489 10.03 37.04 -23.14
N ARG B 490 9.09 37.39 -24.01
CA ARG B 490 9.21 37.18 -25.46
C ARG B 490 10.47 37.84 -26.03
N PRO B 491 10.82 39.10 -25.66
CA PRO B 491 12.07 39.68 -26.15
C PRO B 491 13.33 38.87 -25.81
N GLN B 492 13.41 38.23 -24.62
CA GLN B 492 14.57 37.37 -24.29
C GLN B 492 14.61 36.16 -25.20
N ILE B 493 13.43 35.60 -25.54
CA ILE B 493 13.34 34.51 -26.52
C ILE B 493 13.76 34.99 -27.92
N GLY B 494 13.40 36.22 -28.29
CA GLY B 494 13.76 36.84 -29.57
C GLY B 494 15.28 36.99 -29.67
N VAL B 495 15.95 37.37 -28.58
CA VAL B 495 17.42 37.47 -28.56
C VAL B 495 18.02 36.07 -28.79
N VAL B 496 17.43 35.02 -28.19
CA VAL B 496 17.90 33.64 -28.39
C VAL B 496 17.72 33.24 -29.83
N ARG B 497 16.58 33.54 -30.41
CA ARG B 497 16.28 33.26 -31.83
C ARG B 497 17.33 33.92 -32.73
N GLU B 498 17.72 35.20 -32.47
CA GLU B 498 18.79 35.88 -33.24
C GLU B 498 20.19 35.25 -33.02
N PHE B 499 20.49 34.82 -31.79
CA PHE B 499 21.73 34.13 -31.48
C PHE B 499 21.76 32.79 -32.25
N LEU B 500 20.66 32.04 -32.28
CA LEU B 500 20.62 30.75 -32.99
C LEU B 500 20.85 30.90 -34.49
N THR B 501 20.33 31.97 -35.12
CA THR B 501 20.56 32.19 -36.54
C THR B 501 22.04 32.43 -36.83
N ARG B 502 22.77 33.05 -35.89
CA ARG B 502 24.19 33.27 -36.08
C ARG B 502 25.08 32.14 -35.52
N ASN B 503 24.54 31.17 -34.71
CA ASN B 503 25.27 30.07 -34.02
C ASN B 503 24.51 28.76 -34.15
N PRO B 504 24.38 28.24 -35.40
CA PRO B 504 23.57 27.02 -35.59
C PRO B 504 24.04 25.79 -34.86
N ALA B 505 25.32 25.73 -34.43
CA ALA B 505 25.78 24.61 -33.60
C ALA B 505 24.97 24.53 -32.28
N TRP B 506 24.47 25.68 -31.80
CA TRP B 506 23.68 25.74 -30.59
C TRP B 506 22.23 25.26 -30.79
N ARG B 507 21.82 24.83 -31.99
CA ARG B 507 20.48 24.28 -32.20
C ARG B 507 20.33 22.93 -31.48
N LYS B 508 21.44 22.31 -31.04
CA LYS B 508 21.38 21.11 -30.21
C LYS B 508 21.23 21.48 -28.68
N ALA B 509 21.06 22.77 -28.32
CA ALA B 509 20.94 23.17 -26.92
C ALA B 509 19.57 22.83 -26.27
N VAL B 510 19.57 22.71 -24.91
CA VAL B 510 18.37 22.60 -24.14
C VAL B 510 18.05 23.99 -23.63
N PHE B 511 16.82 24.41 -23.77
CA PHE B 511 16.35 25.71 -23.32
C PHE B 511 15.90 25.58 -21.84
N ILE B 512 16.42 26.42 -20.98
CA ILE B 512 16.07 26.40 -19.55
C ILE B 512 15.64 27.80 -19.11
N SER B 513 14.63 27.85 -18.26
CA SER B 513 14.16 29.08 -17.67
C SER B 513 13.52 28.78 -16.30
N PRO B 514 13.29 29.80 -15.46
CA PRO B 514 12.62 29.52 -14.16
C PRO B 514 11.10 29.38 -14.30
N TYR B 515 10.51 29.48 -15.54
CA TYR B 515 9.06 29.49 -15.72
C TYR B 515 8.53 28.55 -16.79
N ASN B 516 7.49 27.78 -16.47
CA ASN B 516 6.90 26.87 -17.48
C ASN B 516 6.32 27.62 -18.67
N SER B 517 5.71 28.80 -18.44
CA SER B 517 5.11 29.57 -19.52
C SER B 517 6.18 30.14 -20.45
N GLN B 518 7.31 30.57 -19.90
CA GLN B 518 8.45 31.01 -20.72
C GLN B 518 8.92 29.82 -21.62
N ASN B 519 9.04 28.61 -21.04
CA ASN B 519 9.42 27.40 -21.76
C ASN B 519 8.44 27.00 -22.84
N ALA B 520 7.13 27.15 -22.59
CA ALA B 520 6.11 26.81 -23.59
C ALA B 520 6.26 27.75 -24.80
N VAL B 521 6.51 29.04 -24.54
CA VAL B 521 6.70 29.99 -25.63
C VAL B 521 8.00 29.68 -26.40
N ALA B 522 9.12 29.45 -25.67
CA ALA B 522 10.41 29.12 -26.28
C ALA B 522 10.33 27.84 -27.12
N SER B 523 9.57 26.83 -26.66
CA SER B 523 9.40 25.58 -27.38
C SER B 523 8.78 25.82 -28.79
N LYS B 524 7.75 26.67 -28.88
CA LYS B 524 7.11 26.96 -30.16
C LYS B 524 8.01 27.83 -31.08
N ILE B 525 8.65 28.87 -30.55
CA ILE B 525 9.49 29.78 -31.33
C ILE B 525 10.87 29.23 -31.73
N LEU B 526 11.53 28.52 -30.82
CA LEU B 526 12.89 28.01 -31.01
C LEU B 526 12.93 26.56 -31.44
N GLY B 527 11.99 25.75 -30.99
CA GLY B 527 12.01 24.33 -31.27
C GLY B 527 13.01 23.56 -30.43
N LEU B 528 13.69 24.21 -29.49
CA LEU B 528 14.62 23.52 -28.59
C LEU B 528 13.84 22.70 -27.58
N PRO B 529 14.38 21.56 -27.11
CA PRO B 529 13.77 20.90 -25.94
C PRO B 529 13.87 21.87 -24.73
N THR B 530 12.91 21.81 -23.83
CA THR B 530 12.87 22.72 -22.69
C THR B 530 12.77 21.99 -21.34
N GLN B 531 13.26 22.67 -20.32
CA GLN B 531 13.21 22.26 -18.92
C GLN B 531 13.12 23.50 -18.06
N THR B 532 12.39 23.40 -16.94
CA THR B 532 12.43 24.45 -15.93
C THR B 532 13.75 24.18 -15.19
N VAL B 533 14.23 25.13 -14.40
CA VAL B 533 15.44 24.87 -13.61
C VAL B 533 15.23 23.67 -12.65
N ASP B 534 14.06 23.66 -11.99
CA ASP B 534 13.68 22.62 -11.05
C ASP B 534 13.62 21.23 -11.70
N SER B 535 13.04 21.10 -12.91
CA SER B 535 13.03 19.79 -13.58
C SER B 535 14.39 19.39 -14.18
N SER B 536 15.30 20.36 -14.42
CA SER B 536 16.63 20.04 -14.98
C SER B 536 17.60 19.45 -13.93
N GLN B 537 17.33 19.65 -12.63
CA GLN B 537 18.18 19.15 -11.53
C GLN B 537 18.43 17.66 -11.65
N GLY B 538 19.71 17.29 -11.60
CA GLY B 538 20.12 15.91 -11.79
C GLY B 538 20.48 15.55 -13.23
N SER B 539 20.11 16.40 -14.20
CA SER B 539 20.38 16.18 -15.63
C SER B 539 21.55 17.04 -16.15
N GLU B 540 22.17 16.60 -17.27
CA GLU B 540 23.26 17.35 -17.91
C GLU B 540 23.09 17.32 -19.41
N TYR B 541 23.54 18.40 -20.06
CA TYR B 541 23.42 18.63 -21.50
C TYR B 541 24.68 19.34 -22.02
N ASP B 542 25.05 19.13 -23.28
CA ASP B 542 26.23 19.80 -23.84
C ASP B 542 26.06 21.29 -23.87
N TYR B 543 24.91 21.77 -24.36
CA TYR B 543 24.67 23.18 -24.47
C TYR B 543 23.36 23.55 -23.82
N VAL B 544 23.40 24.65 -23.12
CA VAL B 544 22.24 25.15 -22.40
C VAL B 544 22.02 26.59 -22.80
N ILE B 545 20.76 26.94 -23.01
CA ILE B 545 20.40 28.32 -23.24
C ILE B 545 19.43 28.67 -22.11
N PHE B 546 19.78 29.68 -21.35
CA PHE B 546 18.98 30.09 -20.20
C PHE B 546 18.48 31.50 -20.34
N THR B 547 17.18 31.71 -20.16
CA THR B 547 16.62 33.06 -20.12
C THR B 547 16.10 33.26 -18.69
N GLN B 548 16.67 34.20 -17.96
CA GLN B 548 16.25 34.46 -16.59
C GLN B 548 14.76 34.85 -16.47
N THR B 549 14.18 35.41 -17.54
CA THR B 549 12.76 35.82 -17.72
C THR B 549 12.36 37.07 -16.87
N THR B 550 12.63 37.04 -15.57
CA THR B 550 12.29 38.13 -14.63
C THR B 550 13.47 38.38 -13.65
N GLU B 551 13.38 39.42 -12.81
CA GLU B 551 14.29 39.74 -11.71
C GLU B 551 13.61 39.46 -10.34
N THR B 552 12.78 38.43 -10.24
CA THR B 552 12.09 38.12 -8.98
C THR B 552 13.01 37.35 -7.97
N ALA B 553 12.55 37.13 -6.71
CA ALA B 553 13.25 36.30 -5.73
C ALA B 553 13.35 34.86 -6.31
N HIS B 554 12.30 34.38 -7.02
CA HIS B 554 12.28 33.07 -7.67
C HIS B 554 13.41 32.93 -8.74
N SER B 555 13.48 33.86 -9.70
CA SER B 555 14.47 33.78 -10.77
C SER B 555 15.89 34.21 -10.33
N CYS B 556 16.03 34.87 -9.15
CA CYS B 556 17.33 35.26 -8.63
C CYS B 556 17.85 34.36 -7.54
N ASN B 557 17.11 33.31 -7.18
CA ASN B 557 17.51 32.42 -6.10
C ASN B 557 18.85 31.78 -6.45
N VAL B 558 19.87 31.88 -5.54
CA VAL B 558 21.21 31.42 -5.89
C VAL B 558 21.26 29.92 -6.10
N ASN B 559 20.44 29.14 -5.38
CA ASN B 559 20.40 27.68 -5.57
C ASN B 559 19.82 27.34 -6.94
N ARG B 560 18.76 28.02 -7.34
CA ARG B 560 18.15 27.82 -8.65
C ARG B 560 19.14 28.24 -9.74
N PHE B 561 19.82 29.38 -9.55
CA PHE B 561 20.82 29.85 -10.50
C PHE B 561 21.99 28.86 -10.67
N ASN B 562 22.47 28.31 -9.54
CA ASN B 562 23.54 27.31 -9.43
C ASN B 562 23.15 26.08 -10.28
N VAL B 563 21.94 25.51 -10.03
CA VAL B 563 21.44 24.37 -10.77
C VAL B 563 21.30 24.72 -12.27
N ALA B 564 20.76 25.90 -12.60
CA ALA B 564 20.58 26.28 -14.02
C ALA B 564 21.88 26.21 -14.83
N ILE B 565 22.96 26.86 -14.37
CA ILE B 565 24.18 26.95 -15.16
C ILE B 565 25.09 25.73 -15.06
N THR B 566 24.92 24.88 -14.03
CA THR B 566 25.72 23.66 -13.90
C THR B 566 25.08 22.45 -14.65
N ARG B 567 24.07 22.67 -15.49
CA ARG B 567 23.52 21.61 -16.33
C ARG B 567 24.45 21.41 -17.57
N ALA B 568 25.24 22.44 -17.95
CA ALA B 568 26.09 22.45 -19.15
C ALA B 568 27.42 21.73 -19.03
N LYS B 569 27.68 20.88 -20.02
CA LYS B 569 28.94 20.17 -20.17
C LYS B 569 29.91 20.97 -21.06
N VAL B 570 29.40 21.72 -22.04
CA VAL B 570 30.27 22.41 -22.99
C VAL B 570 30.06 23.93 -23.06
N GLY B 571 28.86 24.36 -23.38
CA GLY B 571 28.56 25.76 -23.52
C GLY B 571 27.26 26.16 -22.86
N ILE B 572 27.16 27.42 -22.58
CA ILE B 572 25.96 28.00 -22.00
C ILE B 572 25.82 29.42 -22.47
N LEU B 573 24.58 29.84 -22.74
CA LEU B 573 24.24 31.20 -23.08
C LEU B 573 23.25 31.63 -21.99
N CYS B 574 23.55 32.70 -21.25
CA CYS B 574 22.65 33.21 -20.22
C CYS B 574 22.14 34.57 -20.60
N ILE B 575 20.83 34.70 -20.84
CA ILE B 575 20.17 36.00 -21.09
C ILE B 575 19.62 36.39 -19.72
N MET B 576 20.24 37.40 -19.11
CA MET B 576 19.98 37.82 -17.74
C MET B 576 19.16 39.08 -17.60
N SER B 577 18.37 39.08 -16.56
CA SER B 577 17.54 40.21 -16.17
C SER B 577 18.18 40.93 -14.97
N ASP B 578 18.84 40.15 -14.09
CA ASP B 578 19.42 40.61 -12.85
C ASP B 578 20.84 41.04 -13.02
N ARG B 579 21.14 42.32 -12.73
CA ARG B 579 22.49 42.87 -12.81
C ARG B 579 23.48 42.15 -11.90
N ASP B 580 23.09 41.85 -10.66
CA ASP B 580 23.91 41.14 -9.65
C ASP B 580 24.40 39.76 -10.21
N LEU B 581 23.48 38.84 -10.54
CA LEU B 581 23.86 37.53 -11.06
C LEU B 581 24.59 37.65 -12.41
N TYR B 582 24.20 38.64 -13.26
CA TYR B 582 24.90 38.86 -14.52
C TYR B 582 26.38 39.23 -14.23
N ASP B 583 26.63 40.14 -13.27
CA ASP B 583 28.00 40.55 -12.95
C ASP B 583 28.81 39.44 -12.33
N LYS B 584 28.16 38.48 -11.63
CA LYS B 584 28.81 37.31 -11.03
C LYS B 584 29.18 36.23 -12.07
N LEU B 585 28.47 36.18 -13.21
CA LEU B 585 28.79 35.18 -14.24
C LEU B 585 30.20 35.46 -14.84
N GLN B 586 31.14 34.49 -14.73
CA GLN B 586 32.49 34.65 -15.27
C GLN B 586 32.48 34.16 -16.72
N PHE B 587 31.60 34.79 -17.52
CA PHE B 587 31.37 34.44 -18.91
C PHE B 587 31.74 35.61 -19.77
N THR B 588 31.92 35.35 -21.06
CA THR B 588 32.16 36.35 -22.05
C THR B 588 30.83 37.08 -22.30
N SER B 589 30.80 38.42 -22.21
CA SER B 589 29.58 39.14 -22.51
C SER B 589 29.41 39.37 -23.99
N LEU B 590 28.17 39.23 -24.46
CA LEU B 590 27.83 39.43 -25.85
C LEU B 590 27.08 40.77 -25.92
N GLU B 591 27.21 41.47 -27.05
CA GLU B 591 26.50 42.71 -27.26
C GLU B 591 25.03 42.38 -27.73
N ILE B 592 24.07 43.26 -27.41
CA ILE B 592 22.65 43.10 -27.79
C ILE B 592 22.38 43.58 -29.22
N PRO B 593 21.91 42.69 -30.11
CA PRO B 593 21.59 43.11 -31.49
C PRO B 593 20.32 43.97 -31.60
ZN ZN C . 32.20 -33.60 -11.38
ZN ZN D . 12.87 -29.34 -1.66
ZN ZN E . 15.99 -28.31 10.87
P PO4 F . -25.84 -12.89 10.62
O1 PO4 F . -26.33 -13.50 9.23
O2 PO4 F . -25.24 -14.04 11.47
O3 PO4 F . -27.06 -12.23 11.42
O4 PO4 F . -24.76 -11.76 10.32
P PO4 G . -24.65 -15.89 6.59
O1 PO4 G . -26.22 -16.10 6.32
O2 PO4 G . -24.32 -16.63 7.86
O3 PO4 G . -23.84 -16.60 5.41
O4 PO4 G . -24.23 -14.35 6.68
C4 UR7 H . 33.68 10.38 -10.65
C5 UR7 H . 34.87 9.68 -10.05
C6 UR7 H . 32.61 9.64 -11.12
C7 UR7 H . 31.56 10.29 -11.71
N UR7 H . 36.97 8.03 -10.48
C UR7 H . 30.31 12.36 -12.47
O UR7 H . 35.09 7.94 -12.01
C1 UR7 H . 31.49 11.66 -11.84
C2 UR7 H . 32.54 12.40 -11.31
C3 UR7 H . 33.64 11.76 -10.76
F UR7 H . 30.54 9.52 -12.15
O1 UR7 H . 36.58 9.91 -12.00
S UR7 H . 35.87 8.88 -11.29
ZN ZN I . -4.37 23.14 19.35
ZN ZN J . 2.70 18.38 28.67
ZN ZN K . -24.61 23.51 27.36
P PO4 L . 26.62 13.68 -9.84
O1 PO4 L . 25.72 12.43 -9.37
O2 PO4 L . 25.77 14.90 -10.40
O3 PO4 L . 27.65 13.24 -10.87
O4 PO4 L . 27.40 14.22 -8.57
P PO4 M . 23.56 17.24 -9.95
O1 PO4 M . 23.15 15.74 -10.30
O2 PO4 M . 22.22 18.00 -9.76
O3 PO4 M . 24.32 18.04 -11.09
O4 PO4 M . 24.29 17.32 -8.53
#